data_5JK5
#
_entry.id   5JK5
#
_cell.length_a   70.968
_cell.length_b   85.326
_cell.length_c   74.894
_cell.angle_alpha   90.00
_cell.angle_beta   110.23
_cell.angle_gamma   90.00
#
_symmetry.space_group_name_H-M   'P 1 21 1'
#
loop_
_entity.id
_entity.type
_entity.pdbx_description
1 polymer Phenylalanine-4-hydroxylase
2 non-polymer 'FE (III) ION'
3 non-polymer "PIPERAZINE-N,N'-BIS(2-ETHANESULFONIC ACID)"
4 non-polymer 7,8-DIHYDROBIOPTERIN
5 water water
#
_entity_poly.entity_id   1
_entity_poly.type   'polypeptide(L)'
_entity_poly.pdbx_seq_one_letter_code
;MGSSHHHHHHSSGLVPRGSHMASMESNTNSQGQGIIPQSYHSSIFFSISKGSDKIGGLLEYLEIIKKHNINITRIESRPS
KTEKKDYDFFLDLEYPTENNKEVEKVIKDLEEKGVKATTLQESSNQTYAPWFPRKISDLDLFANKVLEMGSDLTSDHPGA
SDPVYRERRREIAKIASTYKHGDEIPRIDYTEEEIKTWGVVYNRLKELFPTNACHQHAYIFPLLEQNCGYSPDNIPQLQD
ISNFLQECTGWRIRPVQGLLSARDFLNGLAFRVFHATQYIRHPSVPLYTPEPDCCHELLGHVPLLADPDFADFSQEIGLA
SIGASDEDIQLLSTCYWFTVEFGLCKEGDTIRAYGAGILSSTGEMEHFLTDKAKKLPFNPFDACNTEYPITTFQPLYYVA
ESFQKAKEQMRQFADSFKKPFSIRYNPYTQSIEILDNK
;
_entity_poly.pdbx_strand_id   A,B
#
loop_
_chem_comp.id
_chem_comp.type
_chem_comp.name
_chem_comp.formula
FE non-polymer 'FE (III) ION' 'Fe 3'
HBI non-polymer 7,8-DIHYDROBIOPTERIN 'C9 H13 N5 O3'
PIN non-polymer 'PIPERAZINE-N,N'-BIS(2-ETHANESULFONIC ACID)' 'C8 H18 N2 O6 S2'
#
# COMPACT_ATOMS: atom_id res chain seq x y z
N GLN A 38 0.80 29.38 -8.75
CA GLN A 38 2.14 28.86 -9.05
C GLN A 38 3.05 28.90 -7.83
N SER A 39 3.71 27.77 -7.55
CA SER A 39 4.61 27.70 -6.40
C SER A 39 5.78 26.73 -6.62
N TYR A 40 6.85 27.00 -5.88
CA TYR A 40 8.07 26.21 -5.94
C TYR A 40 8.31 25.53 -4.62
N HIS A 41 8.50 24.22 -4.65
CA HIS A 41 8.69 23.45 -3.43
C HIS A 41 10.16 23.35 -3.02
N SER A 42 10.38 23.39 -1.71
CA SER A 42 11.68 23.13 -1.12
C SER A 42 11.52 22.15 0.02
N SER A 43 12.51 21.27 0.17
CA SER A 43 12.50 20.32 1.25
C SER A 43 13.83 20.43 1.98
N ILE A 44 13.76 20.47 3.29
CA ILE A 44 14.96 20.50 4.11
C ILE A 44 14.93 19.28 4.98
N PHE A 45 16.03 18.54 5.02
CA PHE A 45 16.08 17.44 5.97
C PHE A 45 17.40 17.34 6.70
N PHE A 46 17.33 16.70 7.84
CA PHE A 46 18.48 16.55 8.70
C PHE A 46 18.18 15.43 9.66
N SER A 47 19.23 14.96 10.34
CA SER A 47 19.09 13.91 11.32
C SER A 47 19.65 14.37 12.65
N ILE A 48 19.27 13.66 13.72
CA ILE A 48 19.82 13.93 15.04
C ILE A 48 19.64 12.68 15.90
N SER A 49 20.63 12.41 16.74
CA SER A 49 20.62 11.17 17.53
C SER A 49 19.72 11.31 18.75
N LYS A 50 18.96 10.26 19.08
CA LYS A 50 18.23 10.20 20.35
C LYS A 50 19.14 10.62 21.51
N GLY A 51 18.61 11.39 22.44
CA GLY A 51 19.40 11.75 23.60
C GLY A 51 20.37 12.91 23.38
N SER A 52 20.40 13.45 22.16
CA SER A 52 21.18 14.66 21.91
C SER A 52 20.64 15.82 22.75
N ASP A 53 21.52 16.58 23.40
CA ASP A 53 21.04 17.70 24.21
C ASP A 53 20.62 18.88 23.33
N LYS A 54 20.80 18.74 22.02
CA LYS A 54 20.30 19.71 21.05
C LYS A 54 18.80 19.56 20.71
N ILE A 55 18.20 18.44 21.12
CA ILE A 55 16.82 18.12 20.71
C ILE A 55 15.77 19.09 21.27
N GLY A 56 15.86 19.40 22.56
CA GLY A 56 14.93 20.34 23.17
C GLY A 56 14.88 21.68 22.46
N GLY A 57 16.03 22.29 22.20
CA GLY A 57 16.10 23.59 21.54
C GLY A 57 15.68 23.48 20.08
N LEU A 58 15.96 22.34 19.47
CA LEU A 58 15.56 22.13 18.10
C LEU A 58 14.05 22.05 17.99
N LEU A 59 13.41 21.35 18.93
CA LEU A 59 11.96 21.25 18.89
C LEU A 59 11.33 22.61 19.14
N GLU A 60 11.88 23.35 20.09
CA GLU A 60 11.45 24.72 20.34
C GLU A 60 11.54 25.57 19.08
N TYR A 61 12.67 25.49 18.38
CA TYR A 61 12.82 26.23 17.14
C TYR A 61 11.79 25.81 16.08
N LEU A 62 11.55 24.51 15.95
CA LEU A 62 10.58 24.03 14.96
C LEU A 62 9.15 24.50 15.28
N GLU A 63 8.80 24.54 16.55
CA GLU A 63 7.48 25.04 16.96
C GLU A 63 7.30 26.50 16.53
N ILE A 64 8.34 27.30 16.73
CA ILE A 64 8.33 28.70 16.31
C ILE A 64 8.07 28.91 14.82
N ILE A 65 8.81 28.21 13.95
CA ILE A 65 8.61 28.45 12.53
C ILE A 65 7.30 27.81 12.06
N LYS A 66 6.90 26.73 12.72
CA LYS A 66 5.60 26.09 12.44
C LYS A 66 4.45 27.10 12.56
N LYS A 67 4.55 28.01 13.52
CA LYS A 67 3.53 29.05 13.72
C LYS A 67 3.82 30.35 12.98
N HIS A 68 5.08 30.66 12.73
CA HIS A 68 5.39 32.01 12.26
C HIS A 68 5.97 32.10 10.86
N ASN A 69 6.37 30.99 10.28
CA ASN A 69 6.91 31.01 8.93
C ASN A 69 5.83 30.72 7.91
N ILE A 70 5.58 31.70 7.05
CA ILE A 70 4.43 31.69 6.14
C ILE A 70 4.54 30.66 5.04
N ASN A 71 5.74 30.18 4.79
CA ASN A 71 5.97 29.30 3.67
C ASN A 71 6.09 27.83 4.07
N ILE A 72 6.19 27.58 5.37
CA ILE A 72 6.26 26.21 5.86
C ILE A 72 4.92 25.49 5.69
N THR A 73 4.94 24.30 5.10
CA THR A 73 3.69 23.58 4.90
C THR A 73 3.62 22.31 5.75
N ARG A 74 4.77 21.81 6.19
CA ARG A 74 4.79 20.56 6.95
C ARG A 74 6.12 20.34 7.67
N ILE A 75 6.04 19.87 8.92
CA ILE A 75 7.22 19.44 9.63
C ILE A 75 6.93 18.07 10.23
N GLU A 76 7.79 17.11 9.93
CA GLU A 76 7.59 15.74 10.36
C GLU A 76 8.90 15.13 10.86
N SER A 77 8.82 14.26 11.87
CA SER A 77 10.00 13.49 12.29
C SER A 77 9.68 11.99 12.25
N ARG A 78 10.67 11.19 11.84
CA ARG A 78 10.51 9.76 11.60
C ARG A 78 11.74 9.01 12.09
N PRO A 79 11.62 7.70 12.37
CA PRO A 79 12.83 6.91 12.61
C PRO A 79 13.73 7.02 11.41
N SER A 80 15.02 7.11 11.66
CA SER A 80 16.01 6.99 10.60
C SER A 80 15.89 5.61 9.97
N LYS A 81 16.12 5.53 8.68
CA LYS A 81 16.10 4.24 8.03
C LYS A 81 17.52 3.71 7.83
N THR A 82 18.51 4.50 8.22
CA THR A 82 19.91 4.14 8.02
C THR A 82 20.67 4.01 9.33
N GLU A 83 20.27 4.75 10.36
CA GLU A 83 20.90 4.67 11.68
C GLU A 83 19.86 4.48 12.78
N LYS A 84 19.88 3.31 13.39
CA LYS A 84 18.83 2.87 14.32
C LYS A 84 18.63 3.79 15.52
N LYS A 85 19.61 4.64 15.80
CA LYS A 85 19.54 5.49 16.99
C LYS A 85 19.17 6.93 16.61
N ASP A 86 19.05 7.22 15.32
CA ASP A 86 18.79 8.57 14.85
C ASP A 86 17.34 8.83 14.46
N TYR A 87 16.95 10.09 14.53
CA TYR A 87 15.68 10.59 14.02
C TYR A 87 15.89 11.39 12.75
N ASP A 88 15.03 11.21 11.76
CA ASP A 88 15.05 12.09 10.58
C ASP A 88 13.98 13.16 10.71
N PHE A 89 14.33 14.41 10.41
CA PHE A 89 13.34 15.47 10.35
C PHE A 89 13.17 15.90 8.88
N PHE A 90 11.95 16.23 8.50
CA PHE A 90 11.64 16.70 7.16
C PHE A 90 10.84 18.00 7.24
N LEU A 91 11.38 19.10 6.73
CA LEU A 91 10.63 20.35 6.63
C LEU A 91 10.24 20.59 5.19
N ASP A 92 8.95 20.78 4.92
CA ASP A 92 8.54 21.13 3.56
C ASP A 92 8.06 22.57 3.48
N LEU A 93 8.41 23.24 2.40
CA LEU A 93 8.06 24.64 2.21
C LEU A 93 7.59 24.86 0.78
N GLU A 94 6.79 25.92 0.59
CA GLU A 94 6.40 26.39 -0.75
C GLU A 94 6.60 27.90 -0.83
N TYR A 95 7.24 28.35 -1.90
CA TYR A 95 7.46 29.77 -2.14
C TYR A 95 6.81 30.20 -3.47
N PRO A 96 6.36 31.45 -3.56
CA PRO A 96 5.66 31.86 -4.78
C PRO A 96 6.63 32.16 -5.91
N THR A 97 7.89 32.39 -5.59
CA THR A 97 8.91 32.71 -6.60
C THR A 97 10.06 31.71 -6.59
N GLU A 98 10.77 31.66 -7.70
CA GLU A 98 11.91 30.76 -7.84
C GLU A 98 13.12 31.31 -7.12
N ASN A 99 14.02 30.43 -6.67
CA ASN A 99 15.24 30.83 -5.99
C ASN A 99 14.97 31.77 -4.82
N ASN A 100 13.90 31.51 -4.09
CA ASN A 100 13.47 32.39 -3.02
C ASN A 100 14.50 32.40 -1.89
N LYS A 101 15.12 33.55 -1.69
CA LYS A 101 16.21 33.69 -0.72
C LYS A 101 15.80 33.51 0.75
N GLU A 102 14.51 33.32 0.99
CA GLU A 102 14.04 33.07 2.35
C GLU A 102 14.53 31.72 2.87
N VAL A 103 14.69 30.74 1.97
CA VAL A 103 15.04 29.39 2.38
C VAL A 103 16.42 29.38 3.06
N GLU A 104 17.32 30.25 2.60
CA GLU A 104 18.67 30.32 3.15
C GLU A 104 18.65 30.78 4.61
N LYS A 105 17.71 31.65 4.96
CA LYS A 105 17.56 32.10 6.33
C LYS A 105 17.11 30.94 7.20
N VAL A 106 16.23 30.11 6.66
CA VAL A 106 15.78 28.95 7.41
C VAL A 106 16.94 27.99 7.65
N ILE A 107 17.74 27.78 6.62
CA ILE A 107 18.90 26.91 6.73
C ILE A 107 19.88 27.47 7.76
N LYS A 108 20.09 28.79 7.74
CA LYS A 108 21.02 29.41 8.68
C LYS A 108 20.51 29.26 10.11
N ASP A 109 19.22 29.51 10.32
CA ASP A 109 18.62 29.49 11.65
C ASP A 109 18.64 28.08 12.19
N LEU A 110 18.28 27.15 11.31
CA LEU A 110 18.22 25.75 11.65
C LEU A 110 19.60 25.22 12.04
N GLU A 111 20.62 25.62 11.29
CA GLU A 111 21.95 25.08 11.53
C GLU A 111 22.60 25.76 12.74
N GLU A 112 22.05 26.88 13.19
CA GLU A 112 22.45 27.48 14.46
C GLU A 112 22.04 26.60 15.65
N LYS A 113 21.05 25.72 15.43
CA LYS A 113 20.56 24.83 16.47
C LYS A 113 21.43 23.58 16.57
N GLY A 114 22.43 23.50 15.71
CA GLY A 114 23.41 22.44 15.75
C GLY A 114 23.14 21.22 14.87
N VAL A 115 22.38 21.38 13.79
CA VAL A 115 22.17 20.27 12.84
C VAL A 115 22.66 20.66 11.45
N LYS A 116 22.96 19.68 10.62
CA LYS A 116 23.42 19.92 9.25
C LYS A 116 22.33 19.61 8.25
N ALA A 117 21.82 20.64 7.60
CA ALA A 117 20.65 20.49 6.75
C ALA A 117 21.04 20.25 5.30
N THR A 118 20.27 19.39 4.63
CA THR A 118 20.37 19.21 3.19
C THR A 118 19.07 19.74 2.54
N THR A 119 19.21 20.57 1.51
CA THR A 119 18.05 21.23 0.92
C THR A 119 17.82 20.81 -0.53
N LEU A 120 16.58 20.45 -0.85
CA LEU A 120 16.19 20.11 -2.22
C LEU A 120 15.17 21.14 -2.64
N GLN A 121 15.18 21.51 -3.92
CA GLN A 121 14.40 22.63 -4.37
C GLN A 121 13.93 22.44 -5.80
N GLU A 122 12.68 22.84 -6.10
CA GLU A 122 12.23 22.91 -7.48
C GLU A 122 12.80 24.16 -8.09
N SER A 123 13.74 23.99 -9.01
CA SER A 123 14.34 25.14 -9.65
C SER A 123 15.06 24.78 -10.95
N SER A 124 15.14 25.74 -11.84
CA SER A 124 15.95 25.59 -13.04
C SER A 124 17.40 25.96 -12.70
N ASN A 125 17.56 26.54 -11.51
CA ASN A 125 18.88 26.77 -10.95
C ASN A 125 19.44 25.46 -10.40
N GLN A 126 20.74 25.41 -10.15
CA GLN A 126 21.35 24.20 -9.60
C GLN A 126 22.06 24.46 -8.28
N THR A 127 21.59 25.47 -7.55
CA THR A 127 22.11 25.75 -6.21
C THR A 127 21.89 24.55 -5.32
N TYR A 128 20.66 24.03 -5.35
CA TYR A 128 20.31 22.81 -4.65
C TYR A 128 19.98 21.69 -5.64
N ALA A 129 20.13 20.45 -5.18
CA ALA A 129 19.66 19.29 -5.92
C ALA A 129 18.15 19.34 -6.10
N PRO A 130 17.64 18.72 -7.18
CA PRO A 130 16.21 18.76 -7.50
C PRO A 130 15.31 18.15 -6.43
N TRP A 131 14.24 18.86 -6.11
CA TRP A 131 13.19 18.33 -5.24
C TRP A 131 12.48 17.13 -5.88
N PHE A 132 11.92 16.26 -5.05
CA PHE A 132 11.05 15.17 -5.51
C PHE A 132 10.00 14.92 -4.43
N PRO A 133 8.83 14.40 -4.82
CA PRO A 133 7.84 13.99 -3.81
C PRO A 133 8.38 12.85 -2.97
N ARG A 134 8.16 12.90 -1.66
CA ARG A 134 8.74 11.90 -0.76
C ARG A 134 7.78 10.73 -0.51
N LYS A 135 6.50 11.04 -0.28
CA LYS A 135 5.50 10.01 0.00
C LYS A 135 4.52 9.89 -1.14
N ILE A 136 3.92 8.72 -1.31
CA ILE A 136 2.97 8.50 -2.40
C ILE A 136 1.87 9.56 -2.37
N SER A 137 1.46 9.99 -1.18
CA SER A 137 0.36 10.95 -1.08
C SER A 137 0.81 12.35 -1.51
N ASP A 138 2.12 12.58 -1.56
CA ASP A 138 2.61 13.87 -2.03
C ASP A 138 2.41 14.09 -3.54
N LEU A 139 1.91 13.08 -4.24
CA LEU A 139 1.61 13.27 -5.66
C LEU A 139 0.38 14.16 -5.81
N ASP A 140 -0.37 14.34 -4.73
CA ASP A 140 -1.44 15.35 -4.70
C ASP A 140 -0.95 16.72 -5.12
N LEU A 141 0.33 16.99 -4.88
CA LEU A 141 0.92 18.28 -5.25
C LEU A 141 0.90 18.53 -6.75
N PHE A 142 0.71 17.46 -7.53
CA PHE A 142 0.76 17.59 -8.98
C PHE A 142 -0.61 17.89 -9.59
N ALA A 143 -1.67 17.75 -8.80
CA ALA A 143 -3.04 17.68 -9.32
C ALA A 143 -3.45 18.82 -10.24
N ASN A 144 -2.77 19.96 -10.11
CA ASN A 144 -3.13 21.12 -10.93
C ASN A 144 -2.01 21.62 -11.82
N LYS A 145 -0.97 20.81 -12.00
CA LYS A 145 0.18 21.23 -12.78
C LYS A 145 0.10 20.72 -14.24
N VAL A 146 -0.92 21.20 -14.93
CA VAL A 146 -1.10 20.97 -16.36
C VAL A 146 -1.43 22.37 -16.95
N LEU A 147 -0.84 22.89 -18.04
CA LEU A 147 -0.04 22.33 -19.17
C LEU A 147 -1.01 22.13 -20.34
N GLU A 148 -0.76 21.12 -21.17
CA GLU A 148 -1.59 20.93 -22.36
C GLU A 148 -2.43 19.66 -22.32
N MET A 149 -3.38 19.59 -23.25
CA MET A 149 -4.25 18.42 -23.41
C MET A 149 -5.14 18.21 -22.18
N GLY A 150 -5.65 19.32 -21.62
CA GLY A 150 -6.63 19.29 -20.55
C GLY A 150 -7.97 19.86 -21.01
N SER A 151 -8.38 20.98 -20.42
CA SER A 151 -9.58 21.69 -20.86
C SER A 151 -9.20 22.89 -21.75
N ASP A 152 -7.90 23.07 -21.96
CA ASP A 152 -7.39 24.07 -22.89
C ASP A 152 -6.84 23.36 -24.14
N LEU A 153 -7.65 23.36 -25.20
CA LEU A 153 -7.32 22.59 -26.40
C LEU A 153 -6.72 23.47 -27.49
N THR A 154 -6.01 22.84 -28.42
CA THR A 154 -5.46 23.51 -29.60
C THR A 154 -6.57 23.79 -30.60
N SER A 155 -6.35 24.74 -31.52
CA SER A 155 -7.42 25.15 -32.44
C SER A 155 -7.67 24.10 -33.52
N ASP A 156 -6.69 23.23 -33.73
CA ASP A 156 -6.85 22.17 -34.72
C ASP A 156 -7.45 20.91 -34.10
N HIS A 157 -7.69 20.94 -32.79
CA HIS A 157 -8.37 19.84 -32.09
C HIS A 157 -9.77 19.71 -32.66
N PRO A 158 -10.18 18.47 -33.00
CA PRO A 158 -11.49 18.33 -33.65
C PRO A 158 -12.67 18.74 -32.75
N GLY A 159 -12.47 18.78 -31.44
CA GLY A 159 -13.52 19.22 -30.53
C GLY A 159 -13.34 20.60 -29.91
N ALA A 160 -12.49 21.43 -30.49
CA ALA A 160 -12.13 22.73 -29.91
C ALA A 160 -13.30 23.72 -29.88
N SER A 161 -14.18 23.62 -30.86
CA SER A 161 -15.36 24.50 -30.94
C SER A 161 -16.66 23.71 -30.70
N ASP A 162 -16.53 22.48 -30.22
CA ASP A 162 -17.68 21.74 -29.73
C ASP A 162 -17.94 22.15 -28.28
N PRO A 163 -19.03 22.89 -28.03
CA PRO A 163 -19.31 23.41 -26.67
C PRO A 163 -19.72 22.30 -25.70
N VAL A 164 -20.41 21.27 -26.19
CA VAL A 164 -20.73 20.13 -25.35
C VAL A 164 -19.45 19.44 -24.89
N TYR A 165 -18.60 19.11 -25.85
CA TYR A 165 -17.31 18.48 -25.58
C TYR A 165 -16.42 19.29 -24.62
N ARG A 166 -16.36 20.61 -24.82
CA ARG A 166 -15.54 21.46 -23.96
C ARG A 166 -16.03 21.49 -22.52
N GLU A 167 -17.34 21.46 -22.34
CA GLU A 167 -17.93 21.42 -21.02
C GLU A 167 -17.62 20.07 -20.39
N ARG A 168 -17.73 19.01 -21.20
CA ARG A 168 -17.39 17.64 -20.77
C ARG A 168 -15.90 17.51 -20.36
N ARG A 169 -15.01 18.10 -21.15
CA ARG A 169 -13.59 18.09 -20.79
C ARG A 169 -13.35 18.91 -19.51
N ARG A 170 -14.12 19.97 -19.33
CA ARG A 170 -13.99 20.78 -18.12
C ARG A 170 -14.39 19.94 -16.91
N GLU A 171 -15.56 19.33 -17.02
CA GLU A 171 -16.10 18.47 -15.98
C GLU A 171 -15.13 17.36 -15.60
N ILE A 172 -14.63 16.65 -16.59
CA ILE A 172 -13.75 15.51 -16.31
C ILE A 172 -12.40 15.96 -15.72
N ALA A 173 -11.87 17.07 -16.23
CA ALA A 173 -10.64 17.62 -15.70
C ALA A 173 -10.79 17.99 -14.21
N LYS A 174 -11.97 18.47 -13.85
CA LYS A 174 -12.27 18.90 -12.48
C LYS A 174 -12.12 17.73 -11.51
N ILE A 175 -12.55 16.56 -11.96
CA ILE A 175 -12.46 15.33 -11.17
C ILE A 175 -11.00 15.01 -10.80
N ALA A 176 -10.11 15.12 -11.77
CA ALA A 176 -8.69 14.88 -11.52
C ALA A 176 -8.13 15.96 -10.61
N SER A 177 -8.55 17.19 -10.88
CA SER A 177 -8.14 18.38 -10.11
C SER A 177 -8.40 18.20 -8.61
N THR A 178 -9.53 17.59 -8.27
CA THR A 178 -9.96 17.47 -6.88
C THR A 178 -9.65 16.11 -6.26
N TYR A 179 -9.07 15.21 -7.05
CA TYR A 179 -8.78 13.86 -6.54
C TYR A 179 -7.61 13.86 -5.56
N LYS A 180 -7.78 13.16 -4.44
CA LYS A 180 -6.73 13.09 -3.40
C LYS A 180 -6.33 11.65 -3.17
N HIS A 181 -5.03 11.39 -3.02
CA HIS A 181 -4.58 10.05 -2.71
C HIS A 181 -5.39 9.46 -1.56
N GLY A 182 -5.92 8.26 -1.74
CA GLY A 182 -6.82 7.68 -0.76
C GLY A 182 -8.29 7.65 -1.19
N ASP A 183 -8.72 8.64 -1.97
CA ASP A 183 -10.06 8.63 -2.55
C ASP A 183 -10.27 7.42 -3.45
N GLU A 184 -11.51 6.96 -3.55
CA GLU A 184 -11.91 6.13 -4.68
C GLU A 184 -11.97 7.03 -5.89
N ILE A 185 -11.56 6.51 -7.04
CA ILE A 185 -11.65 7.30 -8.26
C ILE A 185 -13.09 7.37 -8.72
N PRO A 186 -13.61 8.61 -8.84
CA PRO A 186 -14.99 8.79 -9.32
C PRO A 186 -15.23 8.06 -10.63
N ARG A 187 -16.41 7.44 -10.71
CA ARG A 187 -16.86 6.74 -11.90
C ARG A 187 -17.58 7.69 -12.81
N ILE A 188 -17.22 7.64 -14.08
CA ILE A 188 -17.83 8.51 -15.06
C ILE A 188 -19.00 7.80 -15.71
N ASP A 189 -20.13 8.49 -15.75
CA ASP A 189 -21.28 8.05 -16.51
C ASP A 189 -21.09 8.43 -17.97
N TYR A 190 -20.44 7.57 -18.74
CA TYR A 190 -20.12 7.90 -20.12
C TYR A 190 -21.38 7.93 -20.97
N THR A 191 -21.40 8.81 -21.98
CA THR A 191 -22.58 8.93 -22.82
C THR A 191 -22.56 7.83 -23.86
N GLU A 192 -23.66 7.69 -24.60
CA GLU A 192 -23.74 6.63 -25.58
C GLU A 192 -22.84 6.99 -26.77
N GLU A 193 -22.66 8.28 -27.05
CA GLU A 193 -21.70 8.67 -28.08
C GLU A 193 -20.26 8.44 -27.61
N GLU A 194 -20.02 8.62 -26.32
CA GLU A 194 -18.70 8.34 -25.79
C GLU A 194 -18.43 6.82 -25.91
N ILE A 195 -19.41 6.01 -25.50
CA ILE A 195 -19.26 4.56 -25.57
C ILE A 195 -19.14 4.07 -27.03
N LYS A 196 -19.79 4.76 -27.95
CA LYS A 196 -19.70 4.40 -29.37
C LYS A 196 -18.27 4.57 -29.88
N THR A 197 -17.64 5.69 -29.53
CA THR A 197 -16.29 5.97 -29.97
C THR A 197 -15.32 4.93 -29.41
N TRP A 198 -15.44 4.64 -28.13
CA TRP A 198 -14.67 3.57 -27.50
C TRP A 198 -14.77 2.28 -28.32
N GLY A 199 -16.00 1.90 -28.64
CA GLY A 199 -16.27 0.64 -29.32
C GLY A 199 -15.65 0.56 -30.69
N VAL A 200 -15.60 1.69 -31.40
CA VAL A 200 -14.99 1.74 -32.71
C VAL A 200 -13.49 1.42 -32.59
N VAL A 201 -12.85 2.12 -31.65
CA VAL A 201 -11.42 1.91 -31.41
C VAL A 201 -11.17 0.50 -30.92
N TYR A 202 -11.94 0.07 -29.94
CA TYR A 202 -11.80 -1.24 -29.33
C TYR A 202 -11.86 -2.34 -30.38
N ASN A 203 -12.89 -2.29 -31.21
CA ASN A 203 -13.14 -3.35 -32.18
C ASN A 203 -12.07 -3.40 -33.25
N ARG A 204 -11.58 -2.22 -33.63
CA ARG A 204 -10.56 -2.10 -34.64
C ARG A 204 -9.22 -2.65 -34.11
N LEU A 205 -8.90 -2.31 -32.86
CA LEU A 205 -7.66 -2.74 -32.26
C LEU A 205 -7.67 -4.23 -31.99
N LYS A 206 -8.80 -4.72 -31.49
CA LYS A 206 -8.94 -6.10 -31.02
C LYS A 206 -8.48 -7.13 -32.06
N GLU A 207 -8.73 -6.83 -33.34
CA GLU A 207 -8.37 -7.75 -34.41
C GLU A 207 -6.85 -7.90 -34.56
N LEU A 208 -6.11 -6.85 -34.22
CA LEU A 208 -4.68 -6.80 -34.46
C LEU A 208 -3.83 -7.33 -33.30
N PHE A 209 -4.39 -7.30 -32.09
CA PHE A 209 -3.67 -7.74 -30.92
C PHE A 209 -3.03 -9.15 -31.03
N PRO A 210 -3.78 -10.18 -31.47
CA PRO A 210 -3.20 -11.53 -31.42
C PRO A 210 -1.96 -11.69 -32.32
N THR A 211 -1.98 -10.99 -33.45
CA THR A 211 -0.90 -11.09 -34.40
C THR A 211 0.23 -10.08 -34.14
N ASN A 212 -0.08 -8.93 -33.56
CA ASN A 212 0.90 -7.86 -33.49
C ASN A 212 1.43 -7.53 -32.09
N ALA A 213 0.71 -7.93 -31.03
CA ALA A 213 1.11 -7.53 -29.68
C ALA A 213 2.03 -8.56 -29.03
N CYS A 214 2.92 -8.10 -28.15
CA CYS A 214 3.76 -9.04 -27.40
C CYS A 214 2.91 -9.94 -26.50
N HIS A 215 3.37 -11.16 -26.23
CA HIS A 215 2.55 -12.17 -25.55
C HIS A 215 2.03 -11.75 -24.17
N GLN A 216 2.69 -10.82 -23.48
CA GLN A 216 2.20 -10.37 -22.16
C GLN A 216 0.81 -9.75 -22.30
N HIS A 217 0.58 -9.12 -23.44
CA HIS A 217 -0.71 -8.52 -23.74
C HIS A 217 -1.82 -9.58 -23.86
N ALA A 218 -1.60 -10.57 -24.73
CA ALA A 218 -2.53 -11.67 -24.92
C ALA A 218 -2.80 -12.40 -23.60
N TYR A 219 -1.79 -12.56 -22.78
CA TYR A 219 -1.96 -13.22 -21.49
C TYR A 219 -2.94 -12.45 -20.60
N ILE A 220 -2.74 -11.14 -20.50
CA ILE A 220 -3.47 -10.34 -19.53
C ILE A 220 -4.87 -9.94 -20.00
N PHE A 221 -5.02 -9.71 -21.30
CA PHE A 221 -6.25 -9.12 -21.83
C PHE A 221 -7.53 -9.86 -21.43
N PRO A 222 -7.55 -11.22 -21.46
CA PRO A 222 -8.77 -11.90 -21.04
C PRO A 222 -9.14 -11.60 -19.59
N LEU A 223 -8.13 -11.35 -18.75
CA LEU A 223 -8.37 -11.01 -17.36
C LEU A 223 -8.95 -9.59 -17.27
N LEU A 224 -8.63 -8.75 -18.23
CA LEU A 224 -9.18 -7.41 -18.23
C LEU A 224 -10.67 -7.51 -18.60
N GLU A 225 -10.96 -8.37 -19.57
CA GLU A 225 -12.34 -8.66 -19.95
C GLU A 225 -13.13 -9.22 -18.77
N GLN A 226 -12.51 -10.17 -18.06
CA GLN A 226 -13.17 -10.88 -16.97
C GLN A 226 -13.32 -10.05 -15.70
N ASN A 227 -12.34 -9.21 -15.40
CA ASN A 227 -12.33 -8.52 -14.13
C ASN A 227 -12.56 -7.01 -14.18
N CYS A 228 -12.37 -6.38 -15.34
CA CYS A 228 -12.32 -4.91 -15.38
C CYS A 228 -13.30 -4.33 -16.37
N GLY A 229 -14.15 -5.20 -16.91
CA GLY A 229 -15.24 -4.78 -17.77
C GLY A 229 -14.83 -4.38 -19.18
N TYR A 230 -13.71 -4.90 -19.66
CA TYR A 230 -13.30 -4.65 -21.05
C TYR A 230 -14.21 -5.34 -22.03
N SER A 231 -14.79 -4.55 -22.93
CA SER A 231 -15.67 -4.98 -24.02
C SER A 231 -15.94 -3.76 -24.89
N PRO A 232 -16.52 -3.97 -26.09
CA PRO A 232 -16.82 -2.76 -26.86
C PRO A 232 -18.07 -1.99 -26.41
N ASP A 233 -18.85 -2.54 -25.48
CA ASP A 233 -20.13 -1.95 -25.11
C ASP A 233 -20.02 -1.04 -23.91
N ASN A 234 -18.80 -0.83 -23.46
CA ASN A 234 -18.57 -0.33 -22.12
C ASN A 234 -17.20 0.31 -22.01
N ILE A 235 -17.10 1.48 -21.40
CA ILE A 235 -15.78 2.02 -21.07
C ILE A 235 -15.42 1.65 -19.63
N PRO A 236 -14.26 1.01 -19.43
CA PRO A 236 -13.89 0.58 -18.07
C PRO A 236 -13.61 1.75 -17.14
N GLN A 237 -13.92 1.60 -15.85
CA GLN A 237 -13.71 2.69 -14.90
C GLN A 237 -12.35 2.57 -14.23
N LEU A 238 -11.65 3.71 -14.08
CA LEU A 238 -10.30 3.70 -13.55
C LEU A 238 -10.20 3.01 -12.19
N GLN A 239 -11.23 3.14 -11.36
CA GLN A 239 -11.18 2.53 -10.02
C GLN A 239 -11.07 1.01 -10.11
N ASP A 240 -11.77 0.42 -11.07
CA ASP A 240 -11.72 -1.03 -11.27
C ASP A 240 -10.36 -1.48 -11.78
N ILE A 241 -9.80 -0.73 -12.72
CA ILE A 241 -8.47 -1.04 -13.23
C ILE A 241 -7.42 -0.92 -12.14
N SER A 242 -7.53 0.14 -11.34
CA SER A 242 -6.58 0.37 -10.27
C SER A 242 -6.59 -0.76 -9.26
N ASN A 243 -7.76 -1.20 -8.86
CA ASN A 243 -7.87 -2.34 -7.94
C ASN A 243 -7.21 -3.60 -8.53
N PHE A 244 -7.46 -3.83 -9.81
CA PHE A 244 -6.89 -4.99 -10.49
C PHE A 244 -5.37 -4.92 -10.53
N LEU A 245 -4.84 -3.75 -10.91
CA LEU A 245 -3.40 -3.59 -11.05
C LEU A 245 -2.71 -3.68 -9.69
N GLN A 246 -3.36 -3.16 -8.65
CA GLN A 246 -2.80 -3.21 -7.29
C GLN A 246 -2.59 -4.65 -6.86
N GLU A 247 -3.56 -5.51 -7.14
CA GLU A 247 -3.49 -6.90 -6.73
C GLU A 247 -2.51 -7.69 -7.60
N CYS A 248 -2.30 -7.26 -8.84
CA CYS A 248 -1.38 -7.95 -9.74
C CYS A 248 0.08 -7.56 -9.51
N THR A 249 0.35 -6.26 -9.45
CA THR A 249 1.72 -5.77 -9.44
C THR A 249 1.96 -4.60 -8.49
N GLY A 250 0.92 -4.19 -7.78
CA GLY A 250 1.06 -3.06 -6.85
C GLY A 250 0.97 -1.71 -7.54
N TRP A 251 0.74 -1.70 -8.85
CA TRP A 251 0.54 -0.43 -9.55
C TRP A 251 -0.86 0.10 -9.24
N ARG A 252 -1.00 1.41 -9.18
CA ARG A 252 -2.31 2.00 -9.03
C ARG A 252 -2.45 3.16 -9.99
N ILE A 253 -3.69 3.57 -10.21
CA ILE A 253 -4.03 4.64 -11.13
C ILE A 253 -4.40 5.91 -10.39
N ARG A 254 -3.97 7.06 -10.90
CA ARG A 254 -4.48 8.35 -10.48
C ARG A 254 -5.07 9.03 -11.70
N PRO A 255 -6.28 9.59 -11.59
CA PRO A 255 -6.80 10.39 -12.70
C PRO A 255 -5.98 11.66 -12.87
N VAL A 256 -5.68 12.05 -14.11
CA VAL A 256 -4.90 13.25 -14.34
C VAL A 256 -5.63 14.15 -15.32
N GLN A 257 -5.49 15.47 -15.13
CA GLN A 257 -6.15 16.43 -15.98
C GLN A 257 -5.71 16.31 -17.43
N GLY A 258 -4.40 16.23 -17.62
CA GLY A 258 -3.81 16.16 -18.95
C GLY A 258 -2.32 15.85 -18.81
N LEU A 259 -1.52 16.39 -19.72
CA LEU A 259 -0.08 16.14 -19.68
C LEU A 259 0.57 16.82 -18.48
N LEU A 260 1.31 16.04 -17.69
CA LEU A 260 2.15 16.58 -16.64
C LEU A 260 3.52 16.90 -17.21
N SER A 261 4.35 17.63 -16.47
CA SER A 261 5.74 17.80 -16.92
C SER A 261 6.38 16.42 -16.91
N ALA A 262 7.46 16.24 -17.66
CA ALA A 262 8.13 14.96 -17.68
C ALA A 262 8.58 14.54 -16.27
N ARG A 263 9.14 15.47 -15.49
CA ARG A 263 9.63 15.14 -14.15
C ARG A 263 8.49 14.61 -13.27
N ASP A 264 7.36 15.32 -13.25
CA ASP A 264 6.25 14.95 -12.39
C ASP A 264 5.69 13.59 -12.77
N PHE A 265 5.48 13.38 -14.06
CA PHE A 265 4.95 12.11 -14.53
C PHE A 265 5.87 10.93 -14.16
N LEU A 266 7.14 11.09 -14.49
CA LEU A 266 8.12 10.05 -14.22
C LEU A 266 8.32 9.87 -12.72
N ASN A 267 8.28 10.96 -11.95
CA ASN A 267 8.39 10.80 -10.49
C ASN A 267 7.23 9.95 -9.96
N GLY A 268 6.04 10.13 -10.52
CA GLY A 268 4.89 9.34 -10.14
C GLY A 268 5.15 7.85 -10.34
N LEU A 269 5.84 7.51 -11.43
CA LEU A 269 6.17 6.11 -11.69
C LEU A 269 7.04 5.46 -10.59
N ALA A 270 7.85 6.24 -9.89
CA ALA A 270 8.71 5.69 -8.85
C ALA A 270 7.90 5.04 -7.72
N PHE A 271 6.64 5.44 -7.61
CA PHE A 271 5.70 4.99 -6.58
C PHE A 271 4.76 3.93 -7.13
N ARG A 272 5.04 3.49 -8.35
CA ARG A 272 4.12 2.61 -9.09
C ARG A 272 2.76 3.26 -9.23
N VAL A 273 2.77 4.56 -9.51
CA VAL A 273 1.54 5.30 -9.76
C VAL A 273 1.49 5.76 -11.22
N PHE A 274 0.51 5.26 -11.96
CA PHE A 274 0.31 5.72 -13.35
C PHE A 274 -0.77 6.81 -13.40
N HIS A 275 -0.39 8.01 -13.86
CA HIS A 275 -1.37 9.07 -14.14
C HIS A 275 -2.08 8.79 -15.46
N ALA A 276 -3.40 8.69 -15.41
CA ALA A 276 -4.20 8.34 -16.58
C ALA A 276 -5.38 9.27 -16.72
N THR A 277 -5.69 9.62 -17.96
CA THR A 277 -6.81 10.50 -18.23
C THR A 277 -8.13 9.73 -18.23
N GLN A 278 -9.22 10.45 -18.05
CA GLN A 278 -10.53 9.82 -17.94
C GLN A 278 -11.42 10.19 -19.11
N TYR A 279 -11.03 11.20 -19.87
CA TYR A 279 -11.83 11.64 -21.02
C TYR A 279 -11.59 10.75 -22.21
N ILE A 280 -12.52 10.80 -23.16
CA ILE A 280 -12.34 10.13 -24.43
C ILE A 280 -12.21 11.16 -25.54
N ARG A 281 -11.43 10.78 -26.57
CA ARG A 281 -11.29 11.55 -27.79
C ARG A 281 -12.63 11.95 -28.41
N HIS A 282 -12.63 13.04 -29.17
CA HIS A 282 -13.83 13.53 -29.86
C HIS A 282 -14.37 12.49 -30.87
N PRO A 283 -15.71 12.36 -30.96
CA PRO A 283 -16.32 11.31 -31.80
C PRO A 283 -16.04 11.45 -33.29
N SER A 284 -15.66 12.64 -33.74
CA SER A 284 -15.51 12.91 -35.17
C SER A 284 -14.30 12.21 -35.78
N VAL A 285 -13.28 11.93 -34.97
CA VAL A 285 -12.06 11.30 -35.48
C VAL A 285 -11.66 10.17 -34.56
N PRO A 286 -12.38 9.04 -34.63
CA PRO A 286 -12.17 7.97 -33.66
C PRO A 286 -10.83 7.25 -33.78
N LEU A 287 -10.24 7.19 -34.97
CA LEU A 287 -9.06 6.36 -35.18
C LEU A 287 -7.72 7.07 -34.95
N TYR A 288 -7.77 8.33 -34.51
CA TYR A 288 -6.54 9.04 -34.23
C TYR A 288 -6.72 10.21 -33.27
N THR A 289 -5.78 10.36 -32.35
CA THR A 289 -5.71 11.55 -31.52
C THR A 289 -4.28 11.77 -31.03
N PRO A 290 -3.85 13.04 -30.95
CA PRO A 290 -2.52 13.32 -30.39
C PRO A 290 -2.50 13.28 -28.85
N GLU A 291 -3.67 13.29 -28.24
CA GLU A 291 -3.77 13.26 -26.78
C GLU A 291 -3.80 11.83 -26.23
N PRO A 292 -3.38 11.68 -24.97
CA PRO A 292 -3.55 10.42 -24.23
C PRO A 292 -4.95 10.26 -23.62
N ASP A 293 -5.95 9.98 -24.44
CA ASP A 293 -7.30 9.78 -23.91
C ASP A 293 -7.44 8.38 -23.30
N CYS A 294 -8.65 8.04 -22.86
CA CYS A 294 -8.85 6.82 -22.12
C CYS A 294 -8.65 5.56 -22.98
N CYS A 295 -8.89 5.65 -24.29
CA CYS A 295 -8.60 4.50 -25.16
C CYS A 295 -7.11 4.19 -25.13
N HIS A 296 -6.28 5.22 -25.22
CA HIS A 296 -4.84 5.04 -25.12
C HIS A 296 -4.44 4.46 -23.76
N GLU A 297 -4.94 5.04 -22.66
CA GLU A 297 -4.53 4.57 -21.34
C GLU A 297 -4.94 3.13 -21.10
N LEU A 298 -6.18 2.80 -21.46
CA LEU A 298 -6.75 1.53 -21.03
C LEU A 298 -6.35 0.36 -21.93
N LEU A 299 -6.21 0.64 -23.22
CA LEU A 299 -5.88 -0.39 -24.20
C LEU A 299 -4.39 -0.49 -24.46
N GLY A 300 -3.66 0.59 -24.26
CA GLY A 300 -2.22 0.56 -24.45
C GLY A 300 -1.38 0.42 -23.19
N HIS A 301 -1.69 1.19 -22.16
CA HIS A 301 -0.84 1.24 -20.99
C HIS A 301 -1.15 0.17 -19.96
N VAL A 302 -2.42 -0.04 -19.67
CA VAL A 302 -2.83 -0.92 -18.57
C VAL A 302 -2.42 -2.40 -18.73
N PRO A 303 -2.57 -2.97 -19.94
CA PRO A 303 -2.29 -4.40 -19.98
C PRO A 303 -0.84 -4.77 -19.57
N LEU A 304 0.13 -3.96 -19.99
CA LEU A 304 1.53 -4.24 -19.67
C LEU A 304 1.83 -4.00 -18.19
N LEU A 305 1.10 -3.08 -17.55
CA LEU A 305 1.37 -2.79 -16.14
C LEU A 305 0.97 -3.94 -15.21
N ALA A 306 0.13 -4.85 -15.71
CA ALA A 306 -0.25 -6.01 -14.91
C ALA A 306 0.79 -7.15 -14.98
N ASP A 307 1.86 -6.96 -15.76
CA ASP A 307 2.97 -7.92 -15.84
C ASP A 307 4.10 -7.53 -14.88
N PRO A 308 4.46 -8.42 -13.94
CA PRO A 308 5.44 -8.08 -12.90
C PRO A 308 6.78 -7.54 -13.42
N ASP A 309 7.37 -8.16 -14.43
CA ASP A 309 8.65 -7.68 -14.92
C ASP A 309 8.57 -6.31 -15.59
N PHE A 310 7.52 -6.09 -16.40
CA PHE A 310 7.31 -4.77 -17.00
C PHE A 310 7.06 -3.76 -15.91
N ALA A 311 6.26 -4.15 -14.93
CA ALA A 311 5.89 -3.25 -13.85
C ALA A 311 7.13 -2.83 -13.05
N ASP A 312 8.07 -3.76 -12.86
CA ASP A 312 9.32 -3.41 -12.21
C ASP A 312 10.19 -2.54 -13.11
N PHE A 313 10.21 -2.85 -14.40
CA PHE A 313 10.94 -2.03 -15.36
C PHE A 313 10.43 -0.59 -15.31
N SER A 314 9.12 -0.44 -15.37
CA SER A 314 8.50 0.89 -15.38
C SER A 314 8.80 1.67 -14.11
N GLN A 315 8.81 0.98 -12.98
CA GLN A 315 9.14 1.68 -11.73
C GLN A 315 10.59 2.12 -11.74
N GLU A 316 11.47 1.29 -12.31
CA GLU A 316 12.89 1.60 -12.37
C GLU A 316 13.14 2.91 -13.10
N ILE A 317 12.37 3.15 -14.15
CA ILE A 317 12.45 4.42 -14.85
C ILE A 317 12.04 5.53 -13.88
N GLY A 318 10.94 5.30 -13.16
CA GLY A 318 10.46 6.25 -12.16
C GLY A 318 11.54 6.59 -11.15
N LEU A 319 12.15 5.56 -10.59
CA LEU A 319 13.17 5.74 -9.58
C LEU A 319 14.37 6.50 -10.14
N ALA A 320 14.70 6.24 -11.39
CA ALA A 320 15.83 6.91 -12.03
C ALA A 320 15.56 8.42 -12.06
N SER A 321 14.32 8.80 -12.25
CA SER A 321 13.95 10.22 -12.34
C SER A 321 14.01 10.97 -10.99
N ILE A 322 13.96 10.24 -9.87
CA ILE A 322 13.84 10.88 -8.56
C ILE A 322 15.10 11.69 -8.22
N GLY A 323 14.96 13.01 -8.24
CA GLY A 323 16.08 13.88 -7.97
C GLY A 323 17.05 13.98 -9.13
N ALA A 324 16.63 13.53 -10.30
CA ALA A 324 17.54 13.59 -11.46
C ALA A 324 17.65 15.03 -11.97
N SER A 325 18.77 15.36 -12.60
CA SER A 325 18.92 16.70 -13.19
C SER A 325 17.94 16.88 -14.33
N ASP A 326 17.65 18.12 -14.69
CA ASP A 326 16.75 18.39 -15.81
C ASP A 326 17.23 17.70 -17.07
N GLU A 327 18.54 17.70 -17.30
CA GLU A 327 19.08 17.09 -18.51
C GLU A 327 18.82 15.60 -18.48
N ASP A 328 18.97 14.97 -17.32
CA ASP A 328 18.77 13.53 -17.21
C ASP A 328 17.30 13.14 -17.28
N ILE A 329 16.41 14.01 -16.79
CA ILE A 329 14.96 13.81 -16.95
C ILE A 329 14.64 13.68 -18.45
N GLN A 330 15.24 14.56 -19.25
CA GLN A 330 15.04 14.53 -20.69
C GLN A 330 15.51 13.21 -21.31
N LEU A 331 16.68 12.73 -20.89
CA LEU A 331 17.18 11.45 -21.37
C LEU A 331 16.22 10.33 -21.01
N LEU A 332 15.70 10.35 -19.78
CA LEU A 332 14.75 9.34 -19.32
C LEU A 332 13.45 9.37 -20.12
N SER A 333 12.99 10.58 -20.42
CA SER A 333 11.82 10.78 -21.26
C SER A 333 12.00 10.09 -22.61
N THR A 334 13.17 10.27 -23.21
CA THR A 334 13.46 9.64 -24.48
C THR A 334 13.44 8.12 -24.33
N CYS A 335 14.03 7.61 -23.23
CA CYS A 335 14.04 6.16 -22.98
C CYS A 335 12.62 5.65 -22.84
N TYR A 336 11.77 6.42 -22.14
CA TYR A 336 10.37 6.11 -22.00
C TYR A 336 9.63 6.02 -23.34
N TRP A 337 9.86 7.01 -24.20
CA TRP A 337 9.27 7.04 -25.52
C TRP A 337 9.54 5.75 -26.29
N PHE A 338 10.81 5.36 -26.28
CA PHE A 338 11.28 4.26 -27.09
C PHE A 338 11.06 2.90 -26.43
N THR A 339 10.49 2.90 -25.22
CA THR A 339 10.14 1.64 -24.55
C THR A 339 8.65 1.59 -24.15
N VAL A 340 8.29 2.23 -23.05
CA VAL A 340 6.90 2.23 -22.61
C VAL A 340 5.92 2.71 -23.70
N GLU A 341 6.28 3.75 -24.46
CA GLU A 341 5.34 4.26 -25.46
C GLU A 341 5.43 3.54 -26.81
N PHE A 342 6.65 3.31 -27.31
CA PHE A 342 6.79 2.74 -28.66
C PHE A 342 7.80 1.59 -28.76
N GLY A 343 7.93 0.83 -27.70
CA GLY A 343 8.86 -0.27 -27.69
C GLY A 343 8.35 -1.53 -28.35
N LEU A 344 9.30 -2.31 -28.85
CA LEU A 344 9.02 -3.62 -29.42
C LEU A 344 9.73 -4.69 -28.61
N CYS A 345 9.22 -5.91 -28.70
CA CYS A 345 9.87 -7.06 -28.10
C CYS A 345 10.29 -8.00 -29.24
N LYS A 346 11.21 -8.92 -28.99
CA LYS A 346 11.48 -9.96 -29.97
C LYS A 346 11.00 -11.30 -29.43
N GLU A 347 10.31 -12.05 -30.27
CA GLU A 347 9.84 -13.38 -29.90
C GLU A 347 10.26 -14.35 -30.97
N GLY A 348 11.40 -15.00 -30.75
CA GLY A 348 11.95 -15.91 -31.74
C GLY A 348 12.41 -15.16 -32.98
N ASP A 349 11.81 -15.47 -34.12
CA ASP A 349 12.16 -14.77 -35.34
C ASP A 349 11.26 -13.56 -35.59
N THR A 350 10.37 -13.29 -34.64
CA THR A 350 9.35 -12.28 -34.87
C THR A 350 9.46 -11.07 -33.93
N ILE A 351 9.01 -9.93 -34.42
CA ILE A 351 8.94 -8.72 -33.65
C ILE A 351 7.47 -8.45 -33.30
N ARG A 352 7.21 -8.09 -32.05
CA ARG A 352 5.87 -7.70 -31.63
C ARG A 352 5.94 -6.40 -30.83
N ALA A 353 4.78 -5.80 -30.59
CA ALA A 353 4.73 -4.48 -29.99
C ALA A 353 4.26 -4.54 -28.54
N TYR A 354 4.94 -3.82 -27.64
CA TYR A 354 4.41 -3.68 -26.29
C TYR A 354 4.17 -2.21 -25.98
N GLY A 355 4.71 -1.32 -26.81
CA GLY A 355 4.54 0.09 -26.59
C GLY A 355 3.10 0.56 -26.64
N ALA A 356 2.67 1.31 -25.63
CA ALA A 356 1.28 1.72 -25.52
C ALA A 356 0.82 2.56 -26.71
N GLY A 357 1.71 3.41 -27.21
CA GLY A 357 1.39 4.23 -28.37
C GLY A 357 1.23 3.40 -29.63
N ILE A 358 1.76 2.18 -29.63
CA ILE A 358 1.56 1.29 -30.77
C ILE A 358 0.25 0.53 -30.59
N LEU A 359 0.09 -0.07 -29.41
CA LEU A 359 -1.08 -0.90 -29.11
C LEU A 359 -2.40 -0.15 -29.22
N SER A 360 -2.38 1.16 -29.01
CA SER A 360 -3.63 1.92 -29.04
C SER A 360 -3.82 2.64 -30.39
N SER A 361 -2.97 2.32 -31.36
CA SER A 361 -3.09 3.00 -32.66
C SER A 361 -3.07 2.01 -33.82
N THR A 362 -4.19 1.90 -34.52
CA THR A 362 -4.33 0.99 -35.65
C THR A 362 -3.23 1.25 -36.68
N GLY A 363 -3.05 2.52 -37.02
CA GLY A 363 -2.01 2.93 -37.96
C GLY A 363 -0.64 2.43 -37.55
N GLU A 364 -0.28 2.67 -36.29
CA GLU A 364 1.05 2.33 -35.78
C GLU A 364 1.23 0.81 -35.76
N MET A 365 0.18 0.08 -35.37
CA MET A 365 0.23 -1.38 -35.34
C MET A 365 0.52 -1.93 -36.73
N GLU A 366 -0.06 -1.28 -37.73
CA GLU A 366 0.09 -1.71 -39.13
C GLU A 366 1.34 -1.15 -39.78
N HIS A 367 2.18 -0.49 -39.00
CA HIS A 367 3.38 0.12 -39.54
C HIS A 367 4.66 -0.59 -39.09
N PHE A 368 4.74 -0.93 -37.79
CA PHE A 368 6.00 -1.37 -37.21
C PHE A 368 6.51 -2.70 -37.79
N LEU A 369 5.59 -3.56 -38.24
CA LEU A 369 5.98 -4.89 -38.67
C LEU A 369 6.69 -4.83 -40.02
N THR A 370 6.37 -3.81 -40.81
CA THR A 370 6.91 -3.71 -42.16
C THR A 370 8.38 -3.29 -42.17
N ASP A 371 8.99 -3.39 -43.35
CA ASP A 371 10.37 -2.98 -43.53
C ASP A 371 10.48 -1.46 -43.74
N LYS A 372 9.36 -0.76 -43.59
CA LYS A 372 9.32 0.69 -43.70
C LYS A 372 9.92 1.38 -42.48
N ALA A 373 10.17 0.61 -41.42
CA ALA A 373 10.77 1.18 -40.21
C ALA A 373 12.02 0.43 -39.81
N LYS A 374 13.02 1.15 -39.35
CA LYS A 374 14.26 0.55 -38.87
C LYS A 374 14.08 0.00 -37.45
N LYS A 375 14.72 -1.12 -37.15
CA LYS A 375 14.71 -1.66 -35.79
C LYS A 375 16.12 -1.80 -35.22
N LEU A 376 16.29 -1.40 -33.97
CA LEU A 376 17.58 -1.52 -33.28
C LEU A 376 17.40 -2.16 -31.91
N PRO A 377 18.47 -2.78 -31.39
CA PRO A 377 18.41 -3.30 -30.01
C PRO A 377 18.32 -2.17 -29.00
N PHE A 378 17.45 -2.29 -28.00
CA PHE A 378 17.34 -1.21 -27.01
C PHE A 378 18.62 -1.15 -26.16
N ASN A 379 19.06 0.08 -25.90
CA ASN A 379 20.21 0.36 -25.04
C ASN A 379 20.07 1.80 -24.60
N PRO A 380 19.81 2.04 -23.31
CA PRO A 380 19.57 3.41 -22.87
C PRO A 380 20.73 4.37 -23.19
N PHE A 381 21.96 3.88 -23.23
CA PHE A 381 23.08 4.77 -23.50
C PHE A 381 23.12 5.15 -24.97
N ASP A 382 22.50 4.33 -25.80
CA ASP A 382 22.39 4.62 -27.23
C ASP A 382 21.13 5.42 -27.49
N ALA A 383 20.00 4.81 -27.13
CA ALA A 383 18.67 5.33 -27.44
C ALA A 383 18.36 6.72 -26.88
N CYS A 384 19.00 7.12 -25.79
CA CYS A 384 18.62 8.35 -25.09
C CYS A 384 18.91 9.62 -25.89
N ASN A 385 19.83 9.55 -26.85
CA ASN A 385 20.15 10.74 -27.64
C ASN A 385 19.35 10.82 -28.94
N THR A 386 18.51 9.82 -29.17
CA THR A 386 17.82 9.67 -30.47
C THR A 386 16.60 10.58 -30.61
N GLU A 387 16.49 11.25 -31.75
CA GLU A 387 15.35 12.13 -32.04
C GLU A 387 14.16 11.31 -32.53
N TYR A 388 12.97 11.90 -32.47
CA TYR A 388 11.76 11.18 -32.82
C TYR A 388 10.57 12.09 -33.12
N PRO A 389 9.70 11.69 -34.06
CA PRO A 389 8.54 12.51 -34.41
C PRO A 389 7.37 12.14 -33.50
N ILE A 390 6.56 13.12 -33.10
CA ILE A 390 5.39 12.87 -32.24
C ILE A 390 4.08 12.92 -33.03
N THR A 391 4.17 13.32 -34.30
CA THR A 391 2.97 13.54 -35.10
C THR A 391 2.92 12.66 -36.35
N THR A 392 3.85 11.71 -36.44
CA THR A 392 3.86 10.69 -37.49
C THR A 392 4.23 9.34 -36.85
N PHE A 393 4.14 8.27 -37.63
CA PHE A 393 4.59 6.95 -37.16
C PHE A 393 6.10 7.02 -36.88
N GLN A 394 6.61 6.05 -36.13
CA GLN A 394 8.05 5.99 -35.88
C GLN A 394 8.77 5.46 -37.12
N PRO A 395 9.87 6.14 -37.50
CA PRO A 395 10.81 5.67 -38.53
C PRO A 395 11.80 4.68 -37.93
N LEU A 396 11.88 4.68 -36.60
CA LEU A 396 12.79 3.83 -35.88
C LEU A 396 12.16 3.33 -34.57
N TYR A 397 12.23 2.03 -34.34
CA TYR A 397 11.81 1.46 -33.04
C TYR A 397 12.97 0.71 -32.40
N TYR A 398 12.92 0.60 -31.07
CA TYR A 398 13.90 -0.19 -30.30
C TYR A 398 13.30 -1.50 -29.78
N VAL A 399 14.06 -2.58 -29.91
CA VAL A 399 13.60 -3.88 -29.43
C VAL A 399 14.24 -4.20 -28.09
N ALA A 400 13.42 -4.51 -27.09
CA ALA A 400 13.94 -4.97 -25.80
C ALA A 400 13.96 -6.50 -25.76
N GLU A 401 15.07 -7.06 -25.29
CA GLU A 401 15.19 -8.51 -25.21
C GLU A 401 14.22 -9.09 -24.18
N SER A 402 14.07 -8.38 -23.07
CA SER A 402 13.18 -8.78 -21.99
C SER A 402 13.02 -7.61 -21.05
N PHE A 403 12.00 -7.63 -20.20
CA PHE A 403 11.80 -6.52 -19.32
C PHE A 403 12.73 -6.58 -18.13
N GLN A 404 13.25 -7.76 -17.83
CA GLN A 404 14.28 -7.87 -16.79
C GLN A 404 15.59 -7.21 -17.24
N LYS A 405 16.04 -7.48 -18.46
CA LYS A 405 17.27 -6.86 -18.96
C LYS A 405 17.11 -5.35 -19.09
N ALA A 406 15.99 -4.91 -19.66
CA ALA A 406 15.69 -3.48 -19.75
C ALA A 406 15.76 -2.78 -18.38
N LYS A 407 15.20 -3.43 -17.37
CA LYS A 407 15.25 -2.89 -16.02
C LYS A 407 16.71 -2.73 -15.56
N GLU A 408 17.49 -3.78 -15.75
CA GLU A 408 18.88 -3.78 -15.35
C GLU A 408 19.67 -2.72 -16.10
N GLN A 409 19.39 -2.61 -17.40
CA GLN A 409 19.97 -1.56 -18.22
C GLN A 409 19.61 -0.18 -17.68
N MET A 410 18.37 -0.02 -17.24
CA MET A 410 17.93 1.28 -16.76
C MET A 410 18.56 1.60 -15.41
N ARG A 411 18.87 0.56 -14.63
CA ARG A 411 19.54 0.81 -13.36
C ARG A 411 20.99 1.26 -13.63
N GLN A 412 21.66 0.65 -14.60
CA GLN A 412 23.00 1.11 -15.01
C GLN A 412 22.98 2.57 -15.43
N PHE A 413 21.99 2.89 -16.25
CA PHE A 413 21.75 4.26 -16.70
C PHE A 413 21.57 5.22 -15.52
N ALA A 414 20.70 4.86 -14.59
CA ALA A 414 20.42 5.74 -13.47
C ALA A 414 21.69 5.98 -12.66
N ASP A 415 22.49 4.93 -12.48
CA ASP A 415 23.75 5.00 -11.75
C ASP A 415 24.76 5.91 -12.42
N SER A 416 24.67 6.04 -13.74
CA SER A 416 25.58 6.91 -14.48
C SER A 416 25.25 8.39 -14.31
N PHE A 417 24.06 8.69 -13.78
CA PHE A 417 23.70 10.07 -13.48
C PHE A 417 24.55 10.60 -12.34
N LYS A 418 24.77 11.90 -12.32
CA LYS A 418 25.31 12.53 -11.13
C LYS A 418 24.14 12.83 -10.20
N LYS A 419 23.99 12.01 -9.16
CA LYS A 419 23.04 12.30 -8.09
C LYS A 419 23.79 12.44 -6.78
N PRO A 420 23.43 13.44 -5.97
CA PRO A 420 24.09 13.73 -4.69
C PRO A 420 23.78 12.68 -3.62
N PHE A 421 22.91 11.74 -3.93
CA PHE A 421 22.58 10.63 -3.05
C PHE A 421 21.86 9.56 -3.85
N SER A 422 21.73 8.38 -3.27
CA SER A 422 20.95 7.33 -3.93
C SER A 422 19.62 7.18 -3.22
N ILE A 423 18.62 6.69 -3.93
CA ILE A 423 17.32 6.50 -3.33
C ILE A 423 16.89 5.06 -3.47
N ARG A 424 16.00 4.62 -2.59
CA ARG A 424 15.39 3.32 -2.73
C ARG A 424 13.93 3.47 -2.37
N TYR A 425 13.12 2.53 -2.82
CA TYR A 425 11.70 2.56 -2.56
C TYR A 425 11.36 1.59 -1.43
N ASN A 426 10.49 2.04 -0.53
CA ASN A 426 10.00 1.20 0.54
C ASN A 426 8.52 0.92 0.27
N PRO A 427 8.18 -0.31 -0.13
CA PRO A 427 6.81 -0.70 -0.45
C PRO A 427 5.90 -0.76 0.78
N TYR A 428 6.48 -0.95 1.97
CA TYR A 428 5.69 -0.98 3.19
C TYR A 428 5.23 0.42 3.54
N THR A 429 6.15 1.38 3.49
CA THR A 429 5.79 2.76 3.81
C THR A 429 5.42 3.56 2.57
N GLN A 430 5.57 2.96 1.40
CA GLN A 430 5.25 3.63 0.14
C GLN A 430 5.96 4.97 0.07
N SER A 431 7.26 4.95 0.35
CA SER A 431 8.01 6.19 0.49
C SER A 431 9.35 6.03 -0.15
N ILE A 432 9.89 7.15 -0.61
CA ILE A 432 11.26 7.20 -1.07
C ILE A 432 12.15 7.35 0.15
N GLU A 433 13.21 6.56 0.20
CA GLU A 433 14.22 6.68 1.24
C GLU A 433 15.52 7.16 0.62
N ILE A 434 16.10 8.19 1.22
CA ILE A 434 17.37 8.71 0.75
C ILE A 434 18.53 8.04 1.49
N LEU A 435 19.54 7.62 0.74
CA LEU A 435 20.77 7.06 1.32
C LEU A 435 21.98 7.90 0.93
N ASP A 436 22.96 7.97 1.82
CA ASP A 436 24.18 8.75 1.54
C ASP A 436 25.07 8.13 0.47
N ASN A 437 25.69 8.99 -0.33
CA ASN A 437 26.62 8.53 -1.38
C ASN A 437 28.05 8.43 -0.87
N GLN B 38 -24.95 -13.15 11.76
CA GLN B 38 -23.91 -14.17 11.81
C GLN B 38 -23.90 -14.99 10.51
N SER B 39 -22.79 -14.93 9.79
CA SER B 39 -22.67 -15.61 8.51
C SER B 39 -21.42 -16.51 8.43
N TYR B 40 -21.48 -17.51 7.56
CA TYR B 40 -20.37 -18.45 7.39
C TYR B 40 -19.79 -18.35 5.99
N HIS B 41 -18.50 -18.01 5.92
CA HIS B 41 -17.85 -17.80 4.63
C HIS B 41 -17.14 -19.03 4.11
N SER B 42 -17.26 -19.26 2.80
CA SER B 42 -16.51 -20.31 2.11
C SER B 42 -15.77 -19.68 0.95
N SER B 43 -14.61 -20.23 0.62
CA SER B 43 -13.86 -19.77 -0.54
C SER B 43 -13.46 -20.98 -1.38
N ILE B 44 -13.64 -20.89 -2.69
CA ILE B 44 -13.25 -21.97 -3.59
C ILE B 44 -12.14 -21.48 -4.51
N PHE B 45 -11.04 -22.24 -4.58
CA PHE B 45 -9.89 -21.91 -5.40
C PHE B 45 -9.72 -22.97 -6.49
N PHE B 46 -9.23 -22.54 -7.66
CA PHE B 46 -8.79 -23.46 -8.71
C PHE B 46 -7.97 -22.67 -9.73
N SER B 47 -7.23 -23.40 -10.55
CA SER B 47 -6.39 -22.79 -11.57
C SER B 47 -6.66 -23.42 -12.92
N ILE B 48 -6.37 -22.69 -13.99
CA ILE B 48 -6.58 -23.18 -15.35
C ILE B 48 -5.63 -22.48 -16.33
N SER B 49 -5.18 -23.19 -17.36
CA SER B 49 -4.19 -22.64 -18.29
C SER B 49 -4.83 -21.78 -19.36
N LYS B 50 -4.13 -20.70 -19.75
CA LYS B 50 -4.54 -19.92 -20.90
C LYS B 50 -4.68 -20.85 -22.11
N GLY B 51 -5.71 -20.61 -22.91
CA GLY B 51 -5.95 -21.40 -24.11
C GLY B 51 -6.63 -22.74 -23.85
N SER B 52 -7.06 -22.98 -22.60
CA SER B 52 -7.75 -24.22 -22.28
C SER B 52 -9.07 -24.35 -23.05
N ASP B 53 -9.44 -25.59 -23.36
CA ASP B 53 -10.71 -25.87 -24.02
C ASP B 53 -11.89 -25.65 -23.08
N LYS B 54 -11.62 -25.56 -21.78
CA LYS B 54 -12.68 -25.49 -20.77
C LYS B 54 -13.08 -24.07 -20.40
N ILE B 55 -12.20 -23.10 -20.70
CA ILE B 55 -12.39 -21.71 -20.28
C ILE B 55 -13.73 -21.13 -20.72
N GLY B 56 -14.11 -21.39 -21.97
CA GLY B 56 -15.37 -20.92 -22.50
C GLY B 56 -16.56 -21.28 -21.63
N GLY B 57 -16.74 -22.58 -21.38
CA GLY B 57 -17.81 -23.04 -20.51
C GLY B 57 -17.62 -22.66 -19.05
N LEU B 58 -16.38 -22.65 -18.60
CA LEU B 58 -16.08 -22.24 -17.23
C LEU B 58 -16.60 -20.82 -17.00
N LEU B 59 -16.17 -19.91 -17.87
CA LEU B 59 -16.57 -18.51 -17.78
C LEU B 59 -18.08 -18.35 -17.81
N GLU B 60 -18.74 -19.07 -18.71
CA GLU B 60 -20.18 -18.99 -18.86
C GLU B 60 -20.88 -19.43 -17.58
N TYR B 61 -20.43 -20.54 -17.00
CA TYR B 61 -20.97 -21.02 -15.73
C TYR B 61 -20.81 -19.96 -14.64
N LEU B 62 -19.61 -19.40 -14.56
CA LEU B 62 -19.29 -18.40 -13.55
C LEU B 62 -20.22 -17.18 -13.68
N GLU B 63 -20.64 -16.87 -14.90
CA GLU B 63 -21.58 -15.78 -15.10
C GLU B 63 -22.99 -16.09 -14.56
N ILE B 64 -23.50 -17.29 -14.82
CA ILE B 64 -24.85 -17.66 -14.38
C ILE B 64 -24.99 -17.63 -12.85
N ILE B 65 -24.03 -18.21 -12.15
CA ILE B 65 -24.09 -18.23 -10.69
C ILE B 65 -23.91 -16.83 -10.10
N LYS B 66 -23.08 -16.02 -10.74
CA LYS B 66 -22.85 -14.65 -10.29
C LYS B 66 -24.15 -13.83 -10.34
N LYS B 67 -25.00 -14.14 -11.30
CA LYS B 67 -26.26 -13.44 -11.46
C LYS B 67 -27.38 -14.04 -10.61
N HIS B 68 -27.46 -15.37 -10.57
CA HIS B 68 -28.62 -16.06 -10.00
C HIS B 68 -28.37 -16.77 -8.67
N ASN B 69 -27.21 -16.55 -8.07
CA ASN B 69 -26.92 -17.09 -6.76
C ASN B 69 -26.45 -15.94 -5.87
N ILE B 70 -27.27 -15.57 -4.88
CA ILE B 70 -27.01 -14.38 -4.07
C ILE B 70 -26.10 -14.70 -2.89
N ASN B 71 -25.78 -15.97 -2.74
CA ASN B 71 -24.81 -16.41 -1.76
C ASN B 71 -23.38 -16.15 -2.24
N ILE B 72 -23.24 -15.95 -3.54
CA ILE B 72 -21.94 -15.60 -4.12
C ILE B 72 -21.71 -14.10 -3.95
N THR B 73 -20.58 -13.76 -3.34
CA THR B 73 -20.32 -12.37 -3.06
C THR B 73 -19.23 -11.79 -3.97
N ARG B 74 -18.47 -12.69 -4.61
CA ARG B 74 -17.27 -12.27 -5.34
C ARG B 74 -16.69 -13.43 -6.15
N ILE B 75 -16.50 -13.22 -7.45
CA ILE B 75 -15.74 -14.14 -8.28
C ILE B 75 -14.68 -13.32 -9.01
N GLU B 76 -13.41 -13.72 -8.93
CA GLU B 76 -12.32 -12.94 -9.51
C GLU B 76 -11.25 -13.85 -10.12
N SER B 77 -10.59 -13.40 -11.19
CA SER B 77 -9.44 -14.14 -11.70
C SER B 77 -8.19 -13.24 -11.70
N ARG B 78 -7.03 -13.87 -11.50
CA ARG B 78 -5.74 -13.19 -11.38
C ARG B 78 -4.64 -13.99 -12.07
N PRO B 79 -3.51 -13.35 -12.40
CA PRO B 79 -2.37 -14.13 -12.90
C PRO B 79 -1.84 -15.09 -11.82
N SER B 80 -1.38 -16.26 -12.23
CA SER B 80 -0.84 -17.24 -11.27
C SER B 80 0.51 -16.77 -10.73
N LYS B 81 0.80 -17.13 -9.48
CA LYS B 81 2.06 -16.74 -8.87
C LYS B 81 3.12 -17.79 -9.18
N THR B 82 2.67 -18.99 -9.53
CA THR B 82 3.55 -20.11 -9.82
C THR B 82 3.73 -20.30 -11.34
N GLU B 83 2.77 -20.96 -11.98
CA GLU B 83 2.81 -21.18 -13.43
C GLU B 83 2.56 -19.89 -14.22
N LYS B 84 3.61 -19.33 -14.81
CA LYS B 84 3.52 -18.06 -15.52
C LYS B 84 2.60 -18.07 -16.74
N LYS B 85 1.90 -19.18 -16.97
CA LYS B 85 0.96 -19.30 -18.08
C LYS B 85 -0.45 -19.71 -17.60
N ASP B 86 -0.68 -19.68 -16.28
CA ASP B 86 -1.98 -20.08 -15.74
C ASP B 86 -2.78 -18.91 -15.16
N TYR B 87 -4.07 -19.11 -14.97
CA TYR B 87 -4.92 -18.15 -14.28
C TYR B 87 -5.42 -18.76 -12.99
N ASP B 88 -5.34 -17.98 -11.90
CA ASP B 88 -5.96 -18.38 -10.64
C ASP B 88 -7.36 -17.80 -10.54
N PHE B 89 -8.30 -18.60 -10.05
CA PHE B 89 -9.68 -18.15 -9.85
C PHE B 89 -10.04 -18.21 -8.38
N PHE B 90 -10.91 -17.30 -7.94
CA PHE B 90 -11.33 -17.25 -6.53
C PHE B 90 -12.83 -17.02 -6.44
N LEU B 91 -13.56 -17.96 -5.82
CA LEU B 91 -15.02 -17.85 -5.63
C LEU B 91 -15.40 -17.71 -4.16
N ASP B 92 -15.90 -16.56 -3.76
CA ASP B 92 -16.30 -16.36 -2.37
C ASP B 92 -17.81 -16.51 -2.16
N LEU B 93 -18.18 -17.36 -1.20
CA LEU B 93 -19.58 -17.61 -0.88
C LEU B 93 -19.89 -17.22 0.58
N GLU B 94 -21.13 -16.85 0.83
CA GLU B 94 -21.56 -16.45 2.17
C GLU B 94 -22.93 -17.02 2.52
N TYR B 95 -22.96 -17.92 3.50
CA TYR B 95 -24.18 -18.61 3.91
C TYR B 95 -24.60 -18.26 5.35
N PRO B 96 -25.91 -18.42 5.67
CA PRO B 96 -26.43 -18.08 6.99
C PRO B 96 -26.19 -19.16 8.04
N THR B 97 -25.89 -20.38 7.58
CA THR B 97 -25.72 -21.52 8.47
C THR B 97 -24.41 -22.27 8.23
N GLU B 98 -23.90 -22.93 9.27
CA GLU B 98 -22.64 -23.67 9.20
C GLU B 98 -22.79 -24.89 8.29
N ASN B 99 -21.69 -25.26 7.63
CA ASN B 99 -21.61 -26.43 6.76
C ASN B 99 -22.79 -26.58 5.81
N ASN B 100 -23.23 -25.45 5.28
CA ASN B 100 -24.29 -25.40 4.28
C ASN B 100 -23.93 -26.31 3.10
N LYS B 101 -24.84 -27.21 2.74
CA LYS B 101 -24.54 -28.22 1.73
C LYS B 101 -24.73 -27.69 0.30
N GLU B 102 -25.13 -26.43 0.17
CA GLU B 102 -25.22 -25.80 -1.14
C GLU B 102 -23.83 -25.62 -1.72
N VAL B 103 -22.84 -25.55 -0.83
CA VAL B 103 -21.44 -25.41 -1.24
C VAL B 103 -21.03 -26.61 -2.06
N GLU B 104 -21.38 -27.80 -1.59
CA GLU B 104 -21.04 -29.04 -2.28
C GLU B 104 -21.70 -29.06 -3.66
N LYS B 105 -22.88 -28.48 -3.74
CA LYS B 105 -23.62 -28.38 -5.00
C LYS B 105 -22.85 -27.47 -5.97
N VAL B 106 -22.36 -26.36 -5.46
CA VAL B 106 -21.56 -25.44 -6.26
C VAL B 106 -20.24 -26.11 -6.69
N ILE B 107 -19.59 -26.80 -5.76
CA ILE B 107 -18.35 -27.51 -6.05
C ILE B 107 -18.56 -28.52 -7.17
N LYS B 108 -19.65 -29.28 -7.10
CA LYS B 108 -19.92 -30.31 -8.09
C LYS B 108 -20.16 -29.72 -9.48
N ASP B 109 -20.98 -28.67 -9.58
CA ASP B 109 -21.27 -28.05 -10.87
C ASP B 109 -20.01 -27.43 -11.45
N LEU B 110 -19.17 -26.92 -10.57
CA LEU B 110 -17.91 -26.28 -10.95
C LEU B 110 -16.91 -27.28 -11.52
N GLU B 111 -16.69 -28.35 -10.79
CA GLU B 111 -15.72 -29.37 -11.19
C GLU B 111 -16.20 -30.17 -12.39
N GLU B 112 -17.48 -30.00 -12.72
CA GLU B 112 -18.06 -30.66 -13.88
C GLU B 112 -17.58 -29.96 -15.17
N LYS B 113 -17.21 -28.70 -15.05
CA LYS B 113 -16.70 -27.93 -16.20
C LYS B 113 -15.21 -28.21 -16.46
N GLY B 114 -14.62 -29.09 -15.65
CA GLY B 114 -13.26 -29.56 -15.88
C GLY B 114 -12.13 -28.96 -15.07
N VAL B 115 -12.39 -28.62 -13.80
CA VAL B 115 -11.31 -28.13 -12.94
C VAL B 115 -11.39 -28.79 -11.56
N LYS B 116 -10.23 -28.92 -10.90
CA LYS B 116 -10.23 -29.46 -9.54
C LYS B 116 -10.27 -28.33 -8.52
N ALA B 117 -11.27 -28.35 -7.66
CA ALA B 117 -11.49 -27.26 -6.73
C ALA B 117 -10.94 -27.56 -5.34
N THR B 118 -10.31 -26.56 -4.73
CA THR B 118 -9.90 -26.65 -3.34
C THR B 118 -10.76 -25.68 -2.54
N THR B 119 -11.57 -26.22 -1.63
CA THR B 119 -12.50 -25.38 -0.89
C THR B 119 -12.06 -25.19 0.56
N LEU B 120 -12.13 -23.95 1.03
CA LEU B 120 -11.85 -23.59 2.42
C LEU B 120 -13.13 -23.04 3.06
N GLN B 121 -13.33 -23.28 4.36
CA GLN B 121 -14.57 -22.85 4.98
C GLN B 121 -14.41 -22.41 6.43
N GLU B 122 -15.27 -21.49 6.87
CA GLU B 122 -15.42 -21.19 8.29
C GLU B 122 -16.29 -22.25 8.95
N SER B 123 -15.70 -23.14 9.73
CA SER B 123 -16.45 -24.24 10.33
C SER B 123 -15.72 -24.93 11.47
N SER B 124 -16.50 -25.59 12.32
CA SER B 124 -15.97 -26.40 13.43
C SER B 124 -15.47 -27.73 12.90
N ASN B 125 -16.09 -28.19 11.82
CA ASN B 125 -15.68 -29.44 11.19
C ASN B 125 -14.34 -29.30 10.51
N GLN B 126 -13.77 -30.44 10.12
CA GLN B 126 -12.53 -30.45 9.36
C GLN B 126 -12.78 -30.93 7.94
N THR B 127 -14.06 -30.93 7.55
CA THR B 127 -14.44 -31.30 6.18
C THR B 127 -13.63 -30.48 5.18
N TYR B 128 -13.51 -29.19 5.44
CA TYR B 128 -12.63 -28.32 4.66
C TYR B 128 -11.61 -27.67 5.57
N ALA B 129 -10.47 -27.33 4.99
CA ALA B 129 -9.46 -26.55 5.68
C ALA B 129 -10.04 -25.17 6.06
N PRO B 130 -9.45 -24.51 7.07
CA PRO B 130 -9.99 -23.23 7.51
C PRO B 130 -9.91 -22.11 6.48
N TRP B 131 -11.01 -21.37 6.37
CA TRP B 131 -11.08 -20.15 5.56
C TRP B 131 -10.18 -19.06 6.16
N PHE B 132 -9.74 -18.13 5.32
CA PHE B 132 -9.03 -16.95 5.79
C PHE B 132 -9.41 -15.73 4.95
N PRO B 133 -9.39 -14.53 5.54
CA PRO B 133 -9.57 -13.31 4.73
C PRO B 133 -8.44 -13.21 3.72
N ARG B 134 -8.74 -12.86 2.48
CA ARG B 134 -7.72 -12.92 1.44
C ARG B 134 -7.14 -11.54 1.17
N LYS B 135 -7.95 -10.49 1.37
CA LYS B 135 -7.50 -9.11 1.19
C LYS B 135 -7.71 -8.34 2.46
N ILE B 136 -6.96 -7.25 2.61
CA ILE B 136 -7.05 -6.39 3.77
C ILE B 136 -8.49 -5.85 3.97
N SER B 137 -9.19 -5.61 2.88
CA SER B 137 -10.57 -5.15 2.99
C SER B 137 -11.50 -6.25 3.49
N ASP B 138 -11.09 -7.51 3.37
CA ASP B 138 -11.94 -8.60 3.86
C ASP B 138 -12.03 -8.59 5.39
N LEU B 139 -11.14 -7.87 6.05
CA LEU B 139 -11.21 -7.74 7.50
C LEU B 139 -12.51 -7.03 7.94
N ASP B 140 -13.17 -6.33 7.01
CA ASP B 140 -14.49 -5.76 7.27
C ASP B 140 -15.47 -6.82 7.77
N LEU B 141 -15.26 -8.09 7.38
CA LEU B 141 -16.17 -9.17 7.76
C LEU B 141 -16.19 -9.42 9.27
N PHE B 142 -15.11 -9.03 9.95
CA PHE B 142 -14.97 -9.22 11.38
C PHE B 142 -15.67 -8.12 12.22
N ALA B 143 -16.14 -7.07 11.57
CA ALA B 143 -16.52 -5.84 12.29
C ALA B 143 -17.59 -6.05 13.37
N ASN B 144 -18.46 -7.04 13.18
CA ASN B 144 -19.49 -7.36 14.18
C ASN B 144 -19.36 -8.75 14.81
N LYS B 145 -18.13 -9.17 15.07
CA LYS B 145 -17.89 -10.48 15.65
C LYS B 145 -17.19 -10.35 17.00
N VAL B 146 -17.93 -9.87 17.99
CA VAL B 146 -17.39 -9.62 19.32
C VAL B 146 -18.36 -10.12 20.39
N HIS B 157 -17.06 -6.96 36.06
CA HIS B 157 -16.39 -5.79 35.51
C HIS B 157 -16.51 -4.61 36.47
N PRO B 158 -15.46 -3.76 36.53
CA PRO B 158 -15.43 -2.60 37.44
C PRO B 158 -16.61 -1.65 37.26
N GLY B 159 -17.00 -1.41 36.01
CA GLY B 159 -18.07 -0.47 35.72
C GLY B 159 -19.26 -1.09 35.02
N ALA B 160 -19.37 -2.41 35.04
CA ALA B 160 -20.56 -3.07 34.54
C ALA B 160 -21.72 -2.69 35.45
N SER B 161 -21.39 -2.40 36.70
CA SER B 161 -22.35 -1.88 37.66
C SER B 161 -22.50 -0.37 37.51
N ASP B 162 -22.27 0.12 36.29
CA ASP B 162 -22.42 1.53 35.97
C ASP B 162 -23.09 1.68 34.60
N PRO B 163 -24.34 2.17 34.60
CA PRO B 163 -25.16 2.35 33.39
C PRO B 163 -24.63 3.46 32.49
N VAL B 164 -24.05 4.49 33.10
CA VAL B 164 -23.54 5.62 32.34
C VAL B 164 -22.37 5.15 31.50
N TYR B 165 -21.42 4.52 32.19
CA TYR B 165 -20.23 3.97 31.56
C TYR B 165 -20.61 2.91 30.53
N ARG B 166 -21.69 2.18 30.80
CA ARG B 166 -22.16 1.13 29.90
C ARG B 166 -22.76 1.73 28.61
N GLU B 167 -23.53 2.80 28.73
CA GLU B 167 -24.06 3.45 27.52
C GLU B 167 -22.92 4.05 26.70
N ARG B 168 -21.95 4.63 27.38
CA ARG B 168 -20.81 5.23 26.71
C ARG B 168 -20.04 4.16 25.90
N ARG B 169 -19.81 3.00 26.51
CA ARG B 169 -19.14 1.90 25.83
C ARG B 169 -19.90 1.49 24.58
N ARG B 170 -21.23 1.45 24.69
CA ARG B 170 -22.09 1.12 23.57
C ARG B 170 -21.92 2.11 22.41
N GLU B 171 -21.79 3.40 22.74
CA GLU B 171 -21.67 4.44 21.71
C GLU B 171 -20.35 4.38 20.96
N ILE B 172 -19.27 4.18 21.69
CA ILE B 172 -17.95 4.05 21.08
C ILE B 172 -17.85 2.79 20.21
N ALA B 173 -18.46 1.71 20.65
CA ALA B 173 -18.40 0.45 19.91
C ALA B 173 -19.14 0.52 18.58
N LYS B 174 -20.17 1.36 18.52
CA LYS B 174 -20.93 1.60 17.29
C LYS B 174 -20.01 1.98 16.14
N ILE B 175 -19.04 2.84 16.46
CA ILE B 175 -18.08 3.32 15.48
C ILE B 175 -17.22 2.20 14.88
N ALA B 176 -16.74 1.29 15.71
CA ALA B 176 -16.01 0.14 15.18
C ALA B 176 -16.94 -0.75 14.34
N SER B 177 -18.17 -0.92 14.80
CA SER B 177 -19.17 -1.71 14.07
C SER B 177 -19.36 -1.29 12.61
N THR B 178 -19.39 0.02 12.34
CA THR B 178 -19.70 0.54 11.01
C THR B 178 -18.48 0.89 10.15
N TYR B 179 -17.30 0.86 10.76
CA TYR B 179 -16.07 1.26 10.08
C TYR B 179 -15.69 0.30 8.94
N LYS B 180 -15.34 0.87 7.79
CA LYS B 180 -14.93 0.07 6.64
C LYS B 180 -13.52 0.41 6.26
N HIS B 181 -12.79 -0.58 5.74
CA HIS B 181 -11.44 -0.33 5.24
C HIS B 181 -11.49 0.76 4.17
N GLY B 182 -10.56 1.70 4.22
CA GLY B 182 -10.63 2.81 3.31
C GLY B 182 -11.16 4.09 3.94
N ASP B 183 -12.06 3.94 4.93
CA ASP B 183 -12.59 5.11 5.65
C ASP B 183 -11.49 5.74 6.48
N GLU B 184 -11.66 7.01 6.77
CA GLU B 184 -10.93 7.61 7.88
C GLU B 184 -11.49 7.08 9.20
N ILE B 185 -10.62 6.85 10.16
CA ILE B 185 -11.07 6.36 11.45
C ILE B 185 -11.68 7.52 12.20
N PRO B 186 -12.99 7.42 12.52
CA PRO B 186 -13.65 8.54 13.19
C PRO B 186 -12.96 8.92 14.49
N ARG B 187 -12.95 10.21 14.78
CA ARG B 187 -12.30 10.72 15.99
C ARG B 187 -13.28 10.73 17.14
N ILE B 188 -12.80 10.40 18.33
CA ILE B 188 -13.65 10.42 19.52
C ILE B 188 -13.47 11.73 20.27
N ASP B 189 -14.59 12.40 20.55
CA ASP B 189 -14.59 13.49 21.51
C ASP B 189 -14.63 12.89 22.93
N TYR B 190 -13.47 12.71 23.54
CA TYR B 190 -13.45 12.18 24.89
C TYR B 190 -13.94 13.20 25.92
N THR B 191 -14.55 12.72 26.99
CA THR B 191 -15.01 13.58 28.08
C THR B 191 -13.86 14.00 28.98
N GLU B 192 -14.12 15.01 29.80
CA GLU B 192 -13.16 15.49 30.78
C GLU B 192 -12.73 14.35 31.71
N GLU B 193 -13.70 13.56 32.14
CA GLU B 193 -13.45 12.43 33.01
C GLU B 193 -12.50 11.43 32.35
N GLU B 194 -12.83 11.06 31.12
CA GLU B 194 -12.03 10.08 30.38
C GLU B 194 -10.61 10.61 30.18
N ILE B 195 -10.49 11.88 29.87
CA ILE B 195 -9.17 12.49 29.67
C ILE B 195 -8.39 12.52 30.98
N LYS B 196 -9.09 12.74 32.09
CA LYS B 196 -8.48 12.72 33.41
C LYS B 196 -7.89 11.34 33.69
N THR B 197 -8.63 10.29 33.34
CA THR B 197 -8.17 8.92 33.55
C THR B 197 -6.92 8.64 32.73
N TRP B 198 -6.94 9.05 31.47
CA TRP B 198 -5.76 8.92 30.60
C TRP B 198 -4.54 9.57 31.25
N GLY B 199 -4.71 10.81 31.72
CA GLY B 199 -3.62 11.58 32.28
C GLY B 199 -2.94 10.88 33.44
N VAL B 200 -3.74 10.36 34.35
CA VAL B 200 -3.23 9.62 35.52
C VAL B 200 -2.41 8.38 35.10
N VAL B 201 -2.94 7.59 34.17
CA VAL B 201 -2.21 6.43 33.67
C VAL B 201 -0.94 6.82 32.93
N TYR B 202 -1.06 7.77 32.00
CA TYR B 202 0.07 8.31 31.22
C TYR B 202 1.23 8.77 32.11
N ASN B 203 0.95 9.67 33.05
CA ASN B 203 1.99 10.24 33.89
C ASN B 203 2.63 9.16 34.77
N ARG B 204 1.82 8.21 35.21
CA ARG B 204 2.29 7.11 36.04
C ARG B 204 3.23 6.18 35.26
N LEU B 205 2.83 5.78 34.07
CA LEU B 205 3.66 4.91 33.25
C LEU B 205 4.89 5.62 32.73
N LYS B 206 4.79 6.92 32.50
CA LYS B 206 5.90 7.71 31.98
C LYS B 206 7.06 7.69 32.96
N GLU B 207 6.75 7.65 34.25
CA GLU B 207 7.78 7.59 35.30
C GLU B 207 8.54 6.28 35.29
N LEU B 208 7.96 5.25 34.68
CA LEU B 208 8.52 3.91 34.75
C LEU B 208 9.21 3.46 33.46
N PHE B 209 8.72 3.92 32.30
CA PHE B 209 9.31 3.58 31.01
C PHE B 209 10.84 3.64 30.95
N PRO B 210 11.45 4.77 31.36
CA PRO B 210 12.88 4.91 31.11
C PRO B 210 13.74 3.83 31.77
N THR B 211 13.32 3.34 32.93
CA THR B 211 14.09 2.33 33.62
C THR B 211 13.60 0.90 33.31
N ASN B 212 12.38 0.76 32.77
CA ASN B 212 11.76 -0.57 32.69
C ASN B 212 11.42 -1.05 31.28
N ALA B 213 11.24 -0.12 30.35
CA ALA B 213 10.88 -0.47 28.97
C ALA B 213 12.11 -0.80 28.12
N CYS B 214 11.91 -1.67 27.14
CA CYS B 214 12.96 -1.95 26.15
C CYS B 214 13.27 -0.71 25.34
N HIS B 215 14.49 -0.64 24.83
CA HIS B 215 15.00 0.58 24.21
C HIS B 215 14.17 1.02 22.99
N GLN B 216 13.53 0.08 22.29
CA GLN B 216 12.69 0.45 21.14
C GLN B 216 11.55 1.36 21.59
N HIS B 217 11.01 1.07 22.76
CA HIS B 217 9.91 1.86 23.30
C HIS B 217 10.38 3.27 23.60
N ALA B 218 11.53 3.39 24.29
CA ALA B 218 12.05 4.70 24.64
C ALA B 218 12.40 5.48 23.38
N TYR B 219 12.84 4.76 22.36
CA TYR B 219 13.27 5.38 21.11
C TYR B 219 12.10 6.07 20.39
N ILE B 220 10.99 5.37 20.29
CA ILE B 220 9.86 5.83 19.49
C ILE B 220 8.95 6.81 20.25
N PHE B 221 8.89 6.71 21.58
CA PHE B 221 7.93 7.52 22.32
C PHE B 221 8.03 9.03 22.03
N PRO B 222 9.25 9.58 21.96
CA PRO B 222 9.26 11.02 21.67
C PRO B 222 8.70 11.35 20.29
N LEU B 223 8.80 10.41 19.35
CA LEU B 223 8.24 10.64 18.02
C LEU B 223 6.71 10.66 18.08
N LEU B 224 6.14 9.88 18.99
CA LEU B 224 4.69 9.86 19.21
C LEU B 224 4.22 11.16 19.83
N GLU B 225 5.06 11.71 20.72
CA GLU B 225 4.81 13.02 21.31
C GLU B 225 4.85 14.11 20.25
N GLN B 226 5.81 14.02 19.33
CA GLN B 226 6.04 15.09 18.39
C GLN B 226 5.13 15.00 17.17
N ASN B 227 4.63 13.81 16.87
CA ASN B 227 3.86 13.65 15.64
C ASN B 227 2.43 13.18 15.83
N CYS B 228 2.10 12.64 17.00
CA CYS B 228 0.79 12.00 17.14
C CYS B 228 -0.01 12.58 18.30
N GLY B 229 0.51 13.65 18.89
CA GLY B 229 -0.17 14.35 19.95
C GLY B 229 -0.20 13.62 21.28
N TYR B 230 0.73 12.70 21.51
CA TYR B 230 0.87 12.04 22.82
C TYR B 230 1.22 13.04 23.90
N SER B 231 0.36 13.09 24.91
CA SER B 231 0.53 13.99 26.03
C SER B 231 -0.43 13.54 27.11
N PRO B 232 -0.18 13.97 28.37
CA PRO B 232 -1.08 13.62 29.47
C PRO B 232 -2.44 14.31 29.32
N ASP B 233 -2.48 15.40 28.56
CA ASP B 233 -3.66 16.25 28.45
C ASP B 233 -4.58 15.89 27.30
N ASN B 234 -4.16 14.91 26.51
CA ASN B 234 -4.81 14.63 25.24
C ASN B 234 -4.78 13.14 24.94
N ILE B 235 -5.94 12.56 24.64
CA ILE B 235 -5.94 11.18 24.15
C ILE B 235 -5.76 11.17 22.64
N PRO B 236 -4.68 10.54 22.16
CA PRO B 236 -4.35 10.49 20.72
C PRO B 236 -5.45 9.78 19.94
N GLN B 237 -5.69 10.18 18.69
CA GLN B 237 -6.74 9.59 17.88
C GLN B 237 -6.14 8.50 16.99
N LEU B 238 -6.88 7.42 16.79
CA LEU B 238 -6.32 6.30 16.05
C LEU B 238 -5.94 6.69 14.62
N GLN B 239 -6.70 7.62 14.01
CA GLN B 239 -6.41 7.96 12.60
C GLN B 239 -4.99 8.54 12.46
N ASP B 240 -4.59 9.38 13.41
CA ASP B 240 -3.25 9.96 13.43
C ASP B 240 -2.20 8.91 13.68
N ILE B 241 -2.49 8.02 14.62
CA ILE B 241 -1.54 6.94 14.93
C ILE B 241 -1.35 5.98 13.76
N SER B 242 -2.45 5.69 13.07
CA SER B 242 -2.39 4.78 11.93
C SER B 242 -1.56 5.38 10.78
N ASN B 243 -1.73 6.67 10.53
CA ASN B 243 -0.95 7.37 9.50
C ASN B 243 0.53 7.31 9.81
N PHE B 244 0.87 7.56 11.07
CA PHE B 244 2.27 7.53 11.50
C PHE B 244 2.87 6.12 11.39
N LEU B 245 2.15 5.12 11.90
CA LEU B 245 2.60 3.72 11.76
C LEU B 245 2.79 3.30 10.31
N GLN B 246 1.86 3.65 9.45
CA GLN B 246 1.97 3.33 8.02
C GLN B 246 3.26 3.87 7.45
N GLU B 247 3.58 5.09 7.82
CA GLU B 247 4.76 5.75 7.28
C GLU B 247 6.05 5.27 7.91
N CYS B 248 5.96 4.49 8.99
CA CYS B 248 7.16 3.92 9.60
C CYS B 248 7.40 2.48 9.21
N THR B 249 6.35 1.66 9.23
CA THR B 249 6.52 0.22 8.98
C THR B 249 5.39 -0.39 8.15
N GLY B 250 4.48 0.43 7.67
CA GLY B 250 3.37 -0.08 6.87
C GLY B 250 2.22 -0.62 7.68
N TRP B 251 2.32 -0.55 9.01
CA TRP B 251 1.22 -0.99 9.85
C TRP B 251 0.09 0.05 9.91
N ARG B 252 -1.12 -0.48 10.03
CA ARG B 252 -2.35 0.30 10.08
C ARG B 252 -3.12 -0.12 11.30
N ILE B 253 -4.02 0.76 11.72
CA ILE B 253 -4.94 0.45 12.80
C ILE B 253 -6.34 0.44 12.27
N ARG B 254 -7.19 -0.43 12.80
CA ARG B 254 -8.62 -0.20 12.62
C ARG B 254 -9.29 -0.31 13.97
N PRO B 255 -10.37 0.46 14.18
CA PRO B 255 -11.07 0.37 15.45
C PRO B 255 -11.75 -0.98 15.59
N VAL B 256 -11.81 -1.52 16.79
CA VAL B 256 -12.49 -2.78 17.00
C VAL B 256 -13.45 -2.60 18.17
N GLN B 257 -14.61 -3.26 18.11
CA GLN B 257 -15.62 -3.13 19.17
C GLN B 257 -15.13 -3.63 20.54
N GLY B 258 -14.47 -4.78 20.52
CA GLY B 258 -14.04 -5.44 21.74
C GLY B 258 -13.16 -6.61 21.31
N LEU B 259 -13.15 -7.67 22.11
CA LEU B 259 -12.36 -8.85 21.81
C LEU B 259 -12.84 -9.58 20.53
N LEU B 260 -11.90 -9.84 19.62
CA LEU B 260 -12.17 -10.74 18.49
C LEU B 260 -11.75 -12.14 18.88
N SER B 261 -12.18 -13.12 18.08
CA SER B 261 -11.64 -14.46 18.25
C SER B 261 -10.14 -14.39 17.99
N ALA B 262 -9.40 -15.35 18.53
CA ALA B 262 -7.99 -15.40 18.29
C ALA B 262 -7.70 -15.47 16.78
N ARG B 263 -8.45 -16.29 16.04
CA ARG B 263 -8.23 -16.42 14.61
C ARG B 263 -8.41 -15.08 13.86
N ASP B 264 -9.49 -14.38 14.17
CA ASP B 264 -9.77 -13.12 13.48
C ASP B 264 -8.69 -12.09 13.77
N PHE B 265 -8.35 -11.94 15.05
CA PHE B 265 -7.36 -10.95 15.46
C PHE B 265 -6.01 -11.26 14.85
N LEU B 266 -5.56 -12.51 14.99
CA LEU B 266 -4.29 -12.93 14.43
C LEU B 266 -4.30 -12.80 12.91
N ASN B 267 -5.42 -13.12 12.26
CA ASN B 267 -5.45 -12.98 10.80
C ASN B 267 -5.23 -11.53 10.36
N GLY B 268 -5.72 -10.58 11.14
CA GLY B 268 -5.54 -9.18 10.81
C GLY B 268 -4.07 -8.78 10.83
N LEU B 269 -3.31 -9.36 11.76
CA LEU B 269 -1.89 -9.07 11.84
C LEU B 269 -1.15 -9.42 10.54
N ALA B 270 -1.64 -10.44 9.83
CA ALA B 270 -1.02 -10.88 8.59
C ALA B 270 -0.96 -9.76 7.53
N PHE B 271 -1.91 -8.84 7.61
CA PHE B 271 -1.98 -7.71 6.69
C PHE B 271 -1.35 -6.47 7.32
N ARG B 272 -0.64 -6.68 8.43
CA ARG B 272 -0.07 -5.56 9.20
C ARG B 272 -1.18 -4.61 9.64
N VAL B 273 -2.31 -5.19 10.03
CA VAL B 273 -3.44 -4.44 10.57
C VAL B 273 -3.65 -4.81 12.04
N PHE B 274 -3.57 -3.82 12.91
CA PHE B 274 -3.81 -4.02 14.33
C PHE B 274 -5.18 -3.48 14.72
N HIS B 275 -6.00 -4.35 15.32
CA HIS B 275 -7.32 -3.96 15.80
C HIS B 275 -7.23 -3.32 17.19
N ALA B 276 -7.68 -2.08 17.31
CA ALA B 276 -7.51 -1.36 18.57
C ALA B 276 -8.80 -0.80 19.09
N THR B 277 -9.01 -0.94 20.40
CA THR B 277 -10.17 -0.34 21.06
C THR B 277 -10.01 1.18 21.20
N GLN B 278 -11.13 1.90 21.29
CA GLN B 278 -11.08 3.34 21.47
C GLN B 278 -11.59 3.79 22.85
N TYR B 279 -12.25 2.91 23.57
CA TYR B 279 -12.84 3.30 24.85
C TYR B 279 -11.74 3.37 25.90
N ILE B 280 -12.01 4.06 27.00
CA ILE B 280 -11.04 4.09 28.08
C ILE B 280 -11.63 3.36 29.30
N ARG B 281 -10.74 2.77 30.10
CA ARG B 281 -11.12 2.07 31.33
C ARG B 281 -11.98 2.94 32.24
N HIS B 282 -12.75 2.30 33.12
CA HIS B 282 -13.60 3.00 34.08
C HIS B 282 -12.74 3.90 34.99
N PRO B 283 -13.25 5.09 35.36
CA PRO B 283 -12.44 6.01 36.17
C PRO B 283 -12.15 5.53 37.59
N SER B 284 -12.94 4.59 38.10
CA SER B 284 -12.79 4.18 39.50
C SER B 284 -11.50 3.40 39.75
N VAL B 285 -11.09 2.59 38.79
CA VAL B 285 -9.86 1.81 38.94
C VAL B 285 -8.88 2.14 37.80
N PRO B 286 -8.09 3.20 37.98
CA PRO B 286 -7.21 3.76 36.94
C PRO B 286 -5.95 2.95 36.69
N LEU B 287 -5.31 2.42 37.73
CA LEU B 287 -3.99 1.82 37.55
C LEU B 287 -4.03 0.35 37.08
N TYR B 288 -5.23 -0.21 36.97
CA TYR B 288 -5.37 -1.56 36.42
C TYR B 288 -6.71 -1.79 35.71
N THR B 289 -6.65 -2.63 34.68
CA THR B 289 -7.85 -3.10 33.99
C THR B 289 -7.58 -4.49 33.40
N PRO B 290 -8.59 -5.36 33.41
CA PRO B 290 -8.44 -6.73 32.89
C PRO B 290 -8.52 -6.80 31.37
N GLU B 291 -9.02 -5.74 30.73
CA GLU B 291 -9.29 -5.74 29.30
C GLU B 291 -8.42 -4.73 28.54
N PRO B 292 -8.35 -4.86 27.20
CA PRO B 292 -7.62 -3.84 26.45
C PRO B 292 -8.40 -2.55 26.29
N ASP B 293 -7.92 -1.46 26.85
CA ASP B 293 -8.54 -0.16 26.60
C ASP B 293 -7.55 0.67 25.80
N CYS B 294 -7.90 1.92 25.49
CA CYS B 294 -7.04 2.72 24.64
C CYS B 294 -5.67 2.98 25.28
N CYS B 295 -5.62 3.08 26.61
CA CYS B 295 -4.34 3.26 27.27
C CYS B 295 -3.40 2.10 26.93
N HIS B 296 -3.91 0.90 27.06
CA HIS B 296 -3.17 -0.31 26.71
C HIS B 296 -2.77 -0.29 25.23
N GLU B 297 -3.70 0.03 24.34
CA GLU B 297 -3.39 0.02 22.90
C GLU B 297 -2.31 1.03 22.53
N LEU B 298 -2.45 2.24 23.05
CA LEU B 298 -1.64 3.38 22.60
C LEU B 298 -0.32 3.53 23.33
N LEU B 299 -0.29 3.13 24.59
CA LEU B 299 0.93 3.22 25.37
C LEU B 299 1.67 1.89 25.38
N GLY B 300 0.92 0.81 25.17
CA GLY B 300 1.50 -0.54 25.16
C GLY B 300 1.85 -1.05 23.76
N HIS B 301 0.85 -1.25 22.92
CA HIS B 301 1.09 -1.87 21.61
C HIS B 301 1.73 -0.96 20.59
N VAL B 302 1.23 0.26 20.45
CA VAL B 302 1.59 1.11 19.31
C VAL B 302 3.09 1.41 19.18
N PRO B 303 3.78 1.75 20.29
CA PRO B 303 5.17 2.13 20.08
C PRO B 303 6.03 1.02 19.44
N LEU B 304 5.80 -0.23 19.81
CA LEU B 304 6.60 -1.33 19.28
C LEU B 304 6.28 -1.52 17.80
N LEU B 305 5.05 -1.24 17.39
CA LEU B 305 4.68 -1.42 15.98
C LEU B 305 5.42 -0.44 15.02
N ALA B 306 6.06 0.59 15.57
CA ALA B 306 6.84 1.51 14.72
C ALA B 306 8.31 1.08 14.61
N ASP B 307 8.66 -0.05 15.25
CA ASP B 307 9.98 -0.65 15.07
C ASP B 307 9.93 -1.67 13.95
N PRO B 308 10.77 -1.51 12.92
CA PRO B 308 10.66 -2.42 11.77
C PRO B 308 10.79 -3.91 12.13
N ASP B 309 11.76 -4.30 12.98
CA ASP B 309 11.93 -5.72 13.22
C ASP B 309 10.75 -6.29 14.00
N PHE B 310 10.27 -5.55 15.01
CA PHE B 310 9.09 -5.97 15.75
C PHE B 310 7.88 -6.07 14.81
N ALA B 311 7.71 -5.06 13.96
CA ALA B 311 6.64 -5.05 12.97
C ALA B 311 6.65 -6.33 12.09
N ASP B 312 7.83 -6.77 11.65
CA ASP B 312 7.95 -8.00 10.87
C ASP B 312 7.58 -9.24 11.71
N PHE B 313 8.08 -9.26 12.93
CA PHE B 313 7.77 -10.35 13.86
C PHE B 313 6.26 -10.52 14.09
N SER B 314 5.58 -9.42 14.39
CA SER B 314 4.14 -9.44 14.59
C SER B 314 3.40 -9.94 13.36
N GLN B 315 3.79 -9.44 12.19
CA GLN B 315 3.16 -9.90 10.95
C GLN B 315 3.41 -11.40 10.76
N GLU B 316 4.58 -11.85 11.14
CA GLU B 316 4.94 -13.25 10.99
C GLU B 316 3.98 -14.13 11.74
N ILE B 317 3.64 -13.72 12.95
CA ILE B 317 2.68 -14.47 13.74
C ILE B 317 1.34 -14.49 13.00
N GLY B 318 0.98 -13.35 12.42
CA GLY B 318 -0.24 -13.24 11.63
C GLY B 318 -0.26 -14.15 10.41
N LEU B 319 0.84 -14.16 9.66
CA LEU B 319 0.96 -15.01 8.48
C LEU B 319 0.78 -16.47 8.87
N ALA B 320 1.45 -16.89 9.94
CA ALA B 320 1.32 -18.27 10.40
C ALA B 320 -0.16 -18.63 10.67
N SER B 321 -0.95 -17.65 11.12
CA SER B 321 -2.34 -17.93 11.49
C SER B 321 -3.26 -18.07 10.28
N ILE B 322 -2.82 -17.54 9.14
CA ILE B 322 -3.66 -17.54 7.95
C ILE B 322 -3.92 -18.97 7.50
N GLY B 323 -5.16 -19.41 7.65
CA GLY B 323 -5.57 -20.74 7.22
C GLY B 323 -5.15 -21.83 8.19
N ALA B 324 -4.64 -21.44 9.36
CA ALA B 324 -4.14 -22.43 10.30
C ALA B 324 -5.30 -23.15 10.98
N SER B 325 -5.03 -24.38 11.43
CA SER B 325 -6.04 -25.16 12.14
C SER B 325 -6.32 -24.52 13.50
N ASP B 326 -7.45 -24.89 14.11
CA ASP B 326 -7.82 -24.32 15.40
C ASP B 326 -6.75 -24.62 16.46
N GLU B 327 -6.19 -25.81 16.45
CA GLU B 327 -5.16 -26.15 17.43
C GLU B 327 -3.89 -25.32 17.21
N ASP B 328 -3.57 -25.00 15.96
CA ASP B 328 -2.37 -24.20 15.68
C ASP B 328 -2.59 -22.71 16.05
N ILE B 329 -3.81 -22.23 15.82
CA ILE B 329 -4.20 -20.88 16.25
C ILE B 329 -3.99 -20.71 17.76
N GLN B 330 -4.39 -21.74 18.50
CA GLN B 330 -4.24 -21.71 19.95
C GLN B 330 -2.76 -21.66 20.34
N LEU B 331 -1.90 -22.40 19.64
CA LEU B 331 -0.46 -22.33 19.88
C LEU B 331 0.10 -20.95 19.58
N LEU B 332 -0.36 -20.35 18.47
CA LEU B 332 0.10 -19.02 18.11
C LEU B 332 -0.38 -17.98 19.11
N SER B 333 -1.62 -18.13 19.54
CA SER B 333 -2.18 -17.19 20.49
C SER B 333 -1.34 -17.17 21.77
N THR B 334 -0.97 -18.36 22.26
CA THR B 334 -0.15 -18.46 23.45
C THR B 334 1.24 -17.84 23.20
N CYS B 335 1.86 -18.15 22.06
CA CYS B 335 3.12 -17.50 21.69
C CYS B 335 2.97 -15.99 21.70
N TYR B 336 1.82 -15.52 21.22
CA TYR B 336 1.53 -14.09 21.13
C TYR B 336 1.51 -13.49 22.55
N TRP B 337 0.87 -14.19 23.47
CA TRP B 337 0.78 -13.79 24.88
C TRP B 337 2.16 -13.57 25.50
N PHE B 338 3.06 -14.51 25.24
CA PHE B 338 4.38 -14.50 25.88
C PHE B 338 5.39 -13.63 25.13
N THR B 339 4.95 -13.01 24.05
CA THR B 339 5.82 -12.07 23.37
C THR B 339 5.15 -10.70 23.26
N VAL B 340 4.27 -10.52 22.28
CA VAL B 340 3.61 -9.23 22.05
C VAL B 340 2.89 -8.71 23.31
N GLU B 341 2.30 -9.61 24.07
CA GLU B 341 1.56 -9.16 25.25
C GLU B 341 2.46 -9.05 26.49
N PHE B 342 3.26 -10.08 26.78
CA PHE B 342 4.03 -10.09 28.04
C PHE B 342 5.50 -10.44 27.91
N GLY B 343 6.08 -10.14 26.75
CA GLY B 343 7.48 -10.47 26.53
C GLY B 343 8.48 -9.50 27.13
N LEU B 344 9.67 -10.03 27.43
CA LEU B 344 10.81 -9.25 27.91
C LEU B 344 11.93 -9.28 26.88
N CYS B 345 12.75 -8.25 26.85
CA CYS B 345 13.94 -8.26 26.01
C CYS B 345 15.17 -8.29 26.90
N LYS B 346 16.28 -8.72 26.32
CA LYS B 346 17.55 -8.71 27.01
C LYS B 346 18.36 -7.55 26.47
N GLU B 347 18.88 -6.72 27.36
CA GLU B 347 19.71 -5.60 26.94
C GLU B 347 20.99 -5.58 27.76
N GLY B 348 22.01 -6.29 27.28
CA GLY B 348 23.22 -6.48 28.05
C GLY B 348 22.96 -7.37 29.25
N ASP B 349 23.34 -6.90 30.43
CA ASP B 349 23.17 -7.67 31.66
C ASP B 349 21.81 -7.39 32.27
N THR B 350 20.95 -6.76 31.50
CA THR B 350 19.72 -6.21 32.01
C THR B 350 18.52 -6.84 31.29
N ILE B 351 17.37 -6.89 31.98
CA ILE B 351 16.13 -7.39 31.39
C ILE B 351 15.10 -6.26 31.38
N ARG B 352 14.46 -6.03 30.23
CA ARG B 352 13.47 -4.95 30.09
C ARG B 352 12.17 -5.48 29.48
N ALA B 353 11.14 -4.64 29.45
CA ALA B 353 9.84 -5.11 29.01
C ALA B 353 9.48 -4.53 27.64
N TYR B 354 8.97 -5.38 26.75
CA TYR B 354 8.37 -4.87 25.52
C TYR B 354 6.90 -5.30 25.39
N GLY B 355 6.47 -6.27 26.19
CA GLY B 355 5.08 -6.70 26.14
C GLY B 355 4.09 -5.59 26.47
N ALA B 356 3.09 -5.40 25.60
CA ALA B 356 2.08 -4.36 25.78
C ALA B 356 1.32 -4.46 27.10
N GLY B 357 1.12 -5.68 27.59
CA GLY B 357 0.44 -5.90 28.86
C GLY B 357 1.29 -5.51 30.07
N ILE B 358 2.59 -5.37 29.86
CA ILE B 358 3.47 -4.94 30.93
C ILE B 358 3.60 -3.42 30.91
N LEU B 359 3.91 -2.89 29.72
CA LEU B 359 4.14 -1.47 29.49
C LEU B 359 2.99 -0.58 29.91
N SER B 360 1.78 -1.14 29.88
CA SER B 360 0.58 -0.37 30.21
C SER B 360 0.05 -0.68 31.61
N SER B 361 0.85 -1.40 32.40
CA SER B 361 0.48 -1.75 33.76
C SER B 361 1.59 -1.45 34.76
N THR B 362 1.35 -0.49 35.65
CA THR B 362 2.33 -0.14 36.67
C THR B 362 2.68 -1.34 37.54
N GLY B 363 1.66 -2.10 37.95
CA GLY B 363 1.86 -3.28 38.77
C GLY B 363 2.70 -4.34 38.08
N GLU B 364 2.48 -4.52 36.78
CA GLU B 364 3.21 -5.54 36.05
C GLU B 364 4.67 -5.15 35.86
N MET B 365 4.88 -3.88 35.51
CA MET B 365 6.23 -3.35 35.36
C MET B 365 7.00 -3.41 36.66
N GLU B 366 6.29 -3.25 37.77
CA GLU B 366 6.92 -3.31 39.08
C GLU B 366 6.92 -4.73 39.61
N HIS B 367 6.75 -5.70 38.72
CA HIS B 367 6.75 -7.09 39.16
C HIS B 367 7.80 -7.93 38.44
N PHE B 368 8.01 -7.70 37.15
CA PHE B 368 8.75 -8.66 36.34
C PHE B 368 10.22 -8.72 36.73
N LEU B 369 10.72 -7.65 37.33
CA LEU B 369 12.12 -7.60 37.74
C LEU B 369 12.38 -8.34 39.05
N THR B 370 11.34 -8.75 39.78
CA THR B 370 11.55 -9.42 41.06
C THR B 370 12.00 -10.86 40.81
N ASP B 371 12.67 -11.46 41.79
CA ASP B 371 13.26 -12.77 41.60
C ASP B 371 12.22 -13.90 41.67
N LYS B 372 11.07 -13.60 42.24
CA LYS B 372 10.02 -14.61 42.31
C LYS B 372 9.43 -14.88 40.93
N ALA B 373 9.51 -13.89 40.05
CA ALA B 373 9.07 -14.08 38.65
C ALA B 373 10.17 -14.78 37.82
N LYS B 374 9.85 -15.97 37.33
CA LYS B 374 10.80 -16.76 36.57
C LYS B 374 11.01 -16.16 35.18
N LYS B 375 12.24 -16.22 34.69
CA LYS B 375 12.57 -15.80 33.33
C LYS B 375 13.17 -16.95 32.55
N LEU B 376 12.84 -17.04 31.27
CA LEU B 376 13.36 -18.08 30.39
C LEU B 376 13.63 -17.48 29.03
N PRO B 377 14.62 -18.03 28.31
CA PRO B 377 14.83 -17.59 26.92
C PRO B 377 13.61 -17.91 26.07
N PHE B 378 13.20 -17.01 25.18
CA PHE B 378 12.05 -17.34 24.35
C PHE B 378 12.37 -18.46 23.39
N ASN B 379 11.44 -19.38 23.31
CA ASN B 379 11.46 -20.52 22.44
C ASN B 379 10.00 -20.89 22.24
N PRO B 380 9.50 -20.78 21.01
CA PRO B 380 8.07 -20.98 20.81
C PRO B 380 7.63 -22.41 21.14
N PHE B 381 8.52 -23.40 21.03
CA PHE B 381 8.16 -24.77 21.35
C PHE B 381 7.93 -24.92 22.86
N ASP B 382 8.65 -24.14 23.66
CA ASP B 382 8.44 -24.15 25.11
C ASP B 382 7.25 -23.28 25.52
N ALA B 383 7.13 -22.12 24.89
CA ALA B 383 6.11 -21.16 25.30
C ALA B 383 4.71 -21.58 24.85
N CYS B 384 4.61 -22.14 23.65
CA CYS B 384 3.31 -22.37 22.98
C CYS B 384 2.34 -23.19 23.81
N ASN B 385 2.89 -24.01 24.71
CA ASN B 385 2.11 -24.93 25.54
C ASN B 385 2.05 -24.51 27.02
N THR B 386 2.63 -23.36 27.35
CA THR B 386 2.68 -22.93 28.74
C THR B 386 1.37 -22.26 29.15
N GLU B 387 0.83 -22.66 30.30
CA GLU B 387 -0.37 -22.03 30.83
C GLU B 387 -0.05 -20.66 31.38
N TYR B 388 -1.04 -19.79 31.41
CA TYR B 388 -0.81 -18.45 31.96
C TYR B 388 -2.07 -17.87 32.59
N PRO B 389 -1.89 -17.05 33.64
CA PRO B 389 -3.00 -16.34 34.30
C PRO B 389 -3.39 -15.08 33.55
N ILE B 390 -4.67 -14.72 33.56
CA ILE B 390 -5.08 -13.47 32.92
C ILE B 390 -5.51 -12.41 33.95
N THR B 391 -5.71 -12.83 35.20
CA THR B 391 -6.20 -11.93 36.22
C THR B 391 -5.15 -11.59 37.28
N THR B 392 -4.00 -12.26 37.23
CA THR B 392 -2.89 -11.92 38.12
C THR B 392 -1.63 -11.59 37.33
N PHE B 393 -0.61 -11.12 38.04
CA PHE B 393 0.71 -10.94 37.43
C PHE B 393 1.23 -12.27 36.88
N GLN B 394 2.12 -12.20 35.90
CA GLN B 394 2.71 -13.42 35.35
C GLN B 394 3.77 -13.98 36.28
N PRO B 395 3.74 -15.29 36.54
CA PRO B 395 4.78 -15.98 37.32
C PRO B 395 5.99 -16.31 36.46
N LEU B 396 5.83 -16.18 35.15
CA LEU B 396 6.83 -16.61 34.19
C LEU B 396 6.83 -15.70 32.98
N TYR B 397 8.01 -15.21 32.59
CA TYR B 397 8.19 -14.43 31.37
C TYR B 397 9.22 -15.09 30.45
N TYR B 398 9.04 -14.93 29.15
CA TYR B 398 10.03 -15.39 28.18
C TYR B 398 10.82 -14.21 27.63
N VAL B 399 12.13 -14.38 27.51
CA VAL B 399 13.03 -13.31 27.11
C VAL B 399 13.48 -13.45 25.66
N ALA B 400 13.07 -12.52 24.80
CA ALA B 400 13.51 -12.52 23.41
C ALA B 400 14.86 -11.81 23.27
N GLU B 401 15.73 -12.43 22.48
CA GLU B 401 17.05 -11.90 22.20
C GLU B 401 16.97 -10.69 21.28
N SER B 402 16.16 -10.82 20.23
CA SER B 402 16.00 -9.79 19.23
C SER B 402 14.74 -10.09 18.42
N PHE B 403 14.13 -9.07 17.84
CA PHE B 403 12.88 -9.33 17.15
C PHE B 403 13.08 -10.10 15.85
N GLN B 404 14.17 -9.87 15.13
CA GLN B 404 14.39 -10.66 13.93
C GLN B 404 14.55 -12.14 14.27
N LYS B 405 15.21 -12.43 15.40
CA LYS B 405 15.33 -13.83 15.82
C LYS B 405 13.97 -14.41 16.19
N ALA B 406 13.17 -13.65 16.93
CA ALA B 406 11.83 -14.10 17.25
C ALA B 406 11.03 -14.38 15.98
N LYS B 407 11.16 -13.51 14.98
CA LYS B 407 10.49 -13.69 13.70
C LYS B 407 10.88 -15.02 13.07
N GLU B 408 12.19 -15.25 12.99
CA GLU B 408 12.72 -16.49 12.42
C GLU B 408 12.27 -17.72 13.21
N GLN B 409 12.24 -17.59 14.54
CA GLN B 409 11.81 -18.71 15.37
C GLN B 409 10.34 -19.05 15.09
N MET B 410 9.50 -18.02 15.02
CA MET B 410 8.08 -18.25 14.74
C MET B 410 7.89 -18.91 13.37
N ARG B 411 8.64 -18.42 12.37
CA ARG B 411 8.50 -18.95 11.01
C ARG B 411 8.89 -20.43 10.95
N GLN B 412 9.96 -20.76 11.67
CA GLN B 412 10.40 -22.15 11.74
C GLN B 412 9.38 -22.98 12.50
N PHE B 413 8.81 -22.40 13.55
CA PHE B 413 7.78 -23.04 14.37
C PHE B 413 6.55 -23.37 13.54
N ALA B 414 6.18 -22.43 12.68
CA ALA B 414 4.95 -22.54 11.92
C ALA B 414 5.14 -23.38 10.65
N ASP B 415 6.39 -23.65 10.30
CA ASP B 415 6.68 -24.22 9.00
C ASP B 415 5.97 -25.56 8.79
N SER B 416 5.75 -26.31 9.86
CA SER B 416 5.10 -27.60 9.70
C SER B 416 3.58 -27.55 9.95
N PHE B 417 3.02 -26.38 10.27
CA PHE B 417 1.57 -26.21 10.31
C PHE B 417 0.93 -26.83 9.07
N LYS B 418 -0.02 -27.74 9.25
CA LYS B 418 -0.76 -28.28 8.12
C LYS B 418 -1.68 -27.21 7.51
N LYS B 419 -1.50 -26.96 6.22
CA LYS B 419 -2.35 -26.05 5.45
C LYS B 419 -2.40 -26.54 4.00
N PRO B 420 -3.54 -26.34 3.33
CA PRO B 420 -3.63 -26.76 1.91
C PRO B 420 -2.78 -25.89 0.98
N PHE B 421 -2.53 -24.64 1.35
CA PHE B 421 -1.74 -23.72 0.55
C PHE B 421 -0.52 -23.18 1.29
N SER B 422 0.51 -22.79 0.54
CA SER B 422 1.59 -22.00 1.11
C SER B 422 1.19 -20.53 1.11
N ILE B 423 1.35 -19.90 2.26
CA ILE B 423 0.95 -18.51 2.45
C ILE B 423 2.19 -17.61 2.45
N ARG B 424 2.13 -16.53 1.68
CA ARG B 424 3.25 -15.61 1.58
C ARG B 424 2.73 -14.17 1.53
N TYR B 425 3.52 -13.21 1.98
CA TYR B 425 3.12 -11.82 1.84
C TYR B 425 3.95 -11.10 0.78
N ASN B 426 3.26 -10.34 -0.05
CA ASN B 426 3.90 -9.54 -1.09
C ASN B 426 3.78 -8.07 -0.68
N PRO B 427 4.91 -7.41 -0.41
CA PRO B 427 4.83 -6.02 0.06
C PRO B 427 4.43 -5.02 -1.05
N TYR B 428 4.67 -5.36 -2.32
CA TYR B 428 4.31 -4.45 -3.40
C TYR B 428 2.81 -4.41 -3.66
N THR B 429 2.18 -5.57 -3.59
CA THR B 429 0.75 -5.70 -3.81
C THR B 429 -0.03 -5.58 -2.53
N GLN B 430 0.71 -5.54 -1.42
CA GLN B 430 0.12 -5.44 -0.08
C GLN B 430 -0.89 -6.52 0.17
N SER B 431 -0.61 -7.71 -0.35
CA SER B 431 -1.58 -8.78 -0.25
C SER B 431 -0.96 -10.15 0.05
N ILE B 432 -1.82 -11.09 0.41
CA ILE B 432 -1.45 -12.47 0.64
C ILE B 432 -1.30 -13.21 -0.69
N GLU B 433 -0.15 -13.85 -0.91
CA GLU B 433 -0.02 -14.75 -2.04
C GLU B 433 -0.23 -16.19 -1.60
N ILE B 434 -0.97 -16.93 -2.42
CA ILE B 434 -1.41 -18.27 -2.11
C ILE B 434 -0.86 -19.23 -3.14
N LEU B 435 0.07 -20.10 -2.73
CA LEU B 435 0.75 -20.96 -3.69
C LEU B 435 0.35 -22.44 -3.58
N ASP B 436 0.07 -23.04 -4.73
CA ASP B 436 -0.27 -24.45 -4.82
C ASP B 436 1.00 -25.29 -4.95
N ASN B 437 1.64 -25.56 -3.82
CA ASN B 437 2.89 -26.32 -3.82
C ASN B 437 2.89 -27.37 -2.71
N LYS B 438 1.74 -27.58 -2.09
CA LYS B 438 1.58 -28.56 -1.02
C LYS B 438 0.66 -29.71 -1.45
FE FE C . 0.99 6.99 -23.15
C1 PIN D . 6.99 -8.34 -7.98
C2 PIN D . 7.71 -6.99 -7.92
N1 PIN D . 8.97 -7.01 -7.15
C3 PIN D . 9.55 -5.66 -7.17
C4 PIN D . 9.93 -7.99 -7.70
C1' PIN D . 13.46 -5.05 -5.90
C2' PIN D . 13.07 -6.50 -6.20
N1' PIN D . 11.82 -6.56 -6.97
C3' PIN D . 11.26 -7.92 -6.95
C4' PIN D . 10.84 -5.63 -6.40
S1 PIN D . 5.21 -8.04 -8.31
S1' PIN D . 15.13 -4.72 -6.54
O1 PIN D . 5.08 -7.05 -9.48
O2 PIN D . 4.58 -7.43 -7.06
O3 PIN D . 4.51 -9.36 -8.63
O1' PIN D . 15.08 -3.52 -7.49
O2' PIN D . 15.64 -5.95 -7.31
O3' PIN D . 16.08 -4.40 -5.39
N1 HBI E . 1.71 13.28 -18.69
N2 HBI E . -0.43 12.76 -18.00
C2 HBI E . 0.66 12.46 -18.71
N3 HBI E . 0.66 11.28 -19.47
C4 HBI E . 1.79 10.95 -20.23
O4 HBI E . 1.78 9.91 -20.90
C4A HBI E . 2.89 11.83 -20.17
C8A HBI E . 2.81 12.98 -19.40
N8 HBI E . 3.91 13.86 -19.36
C7 HBI E . 5.23 13.41 -19.86
C6 HBI E . 5.12 12.36 -20.79
N5 HBI E . 4.01 11.61 -20.88
C9 HBI E . 6.21 12.08 -21.65
O9 HBI E . 7.07 13.23 -21.82
C10 HBI E . 7.03 10.86 -21.18
O10 HBI E . 7.94 10.53 -22.22
C11 HBI E . 7.82 11.19 -19.90
FE FE F . -3.00 -6.13 24.05
C1 PIN G . 12.25 -10.28 4.64
C2 PIN G . 13.04 -9.01 5.00
N1 PIN G . 12.21 -8.02 5.69
C3 PIN G . 10.86 -7.93 5.09
C4 PIN G . 12.86 -6.71 5.59
C1' PIN G . 10.51 -3.18 6.34
C2' PIN G . 9.92 -4.58 6.53
N1' PIN G . 10.69 -5.57 5.77
C3' PIN G . 12.05 -5.65 6.32
C4' PIN G . 10.03 -6.89 5.83
S1 PIN G . 13.32 -11.75 4.87
S1' PIN G . 9.59 -1.96 7.36
O1 PIN G . 14.65 -11.33 5.47
O2 PIN G . 13.57 -12.41 3.50
O3 PIN G . 12.62 -12.75 5.80
O1' PIN G . 10.30 -0.61 7.29
O2' PIN G . 8.16 -1.83 6.84
O3' PIN G . 9.53 -2.48 8.79
N1 HBI H . -9.08 -8.99 20.20
N2 HBI H . -9.68 -6.77 19.93
C2 HBI H . -8.80 -7.67 20.36
N3 HBI H . -7.63 -7.25 20.99
C4 HBI H . -6.71 -8.22 21.44
O4 HBI H . -5.67 -7.85 21.98
C4A HBI H . -7.02 -9.58 21.25
C8A HBI H . -8.22 -9.92 20.63
N8 HBI H . -8.53 -11.27 20.44
C7 HBI H . -7.78 -12.29 21.19
C6 HBI H . -6.53 -11.86 21.59
N5 HBI H . -6.20 -10.55 21.66
C9 HBI H . -5.60 -12.82 22.06
O9 HBI H . -6.27 -14.05 22.38
C10 HBI H . -4.46 -13.09 21.06
O10 HBI H . -3.45 -13.80 21.75
C11 HBI H . -4.95 -13.98 19.92
#